data_7YAR
#
_entry.id   7YAR
#
_cell.length_a   1.00
_cell.length_b   1.00
_cell.length_c   1.00
_cell.angle_alpha   90.00
_cell.angle_beta   90.00
_cell.angle_gamma   90.00
#
_symmetry.space_group_name_H-M   'P 1'
#
loop_
_entity.id
_entity.type
_entity.pdbx_description
1 polymer 'heavy chain'
2 polymer 'light chain'
3 polymer 'E protein'
4 polymer 'M protein'
#
loop_
_entity_poly.entity_id
_entity_poly.type
_entity_poly.pdbx_seq_one_letter_code
_entity_poly.pdbx_strand_id
1 'polypeptide(L)'
;RVHLVESGGGVVQPGRSLRLSCVASGFAFSNYHMHWVRQAPGKGLEWVAIIWDDGSDQYYADSVKGRFTISRDNSKNTLF
LQMNRLRAEDTALYYCVGGSSAYNGDNGWREAASLDDWGQGTLVTVSSASTKGPSVFPLAPSSKSTSGGTAALGCLVKDY
FPEPVTVSWNSGALTSGVHTFPAVLQSSGLYSLSSVVTVPSSSLGTQTYICNVNHKPSNTKVDKKVEPKSC
;
I,G,K
2 'polypeptide(L)'
;SALTQPASVSGSPGQSITIFCSGSSNDVGGYNYVSWYQQYPGKVPKLLIYDVNSRPSGVSNRFSGSKSGNTASLTISGLQ
AEDEADYYCSSYTSRRTWVFGGGTIVTVLGQPKANPTVTLFPPSSEELQANKATLVCLISDFYPGAVTVAWKADGSPVKA
GVETTKPSKQSNNKYAASSYLSLTPEQWKSHRSYSCQVTHEGSTVEKTVAPT
;
H,M,L
3 'polypeptide(L)'
;IRCIGVSNRDFVEGMSGGTWVDVVLEHGGCVTVMAQDKPTVDIELVTTTVSNMAEVRSYCYEASISDMASDSRCPTQGEA
YLDKQSDTQYVCKRTLVDRGWGNGCGLFGKGSLVTCAKFACSKKMTGKSIQPENLEYRIMLSVHGSQHSGMIVNDTGHET
DENRAKVEITPNSPRAEATLGGFGSLGLDCEPRTGLDFSDLYYLTMNNKHWLVHKEWFHDIPLPWHAGADTGTPHWNNKE
ALVEFKDAHAKRQTVVVLGSQEGAVHTALAGALEAEMDGAKGRLSSGHLKCRLKMDKLRLKGVSYSLCTAAFTFTKIPAE
TLHGTVTVEVQYAGTDGPCKVPAQMAVDMQTLTPVGRLITANPVITESTENSKMMLELDPPFGDSYIVIGVGEKKITHHW
HRSGSTIGKAFEATVRGAKRMAVLGDTAWDFGSVGGALNSLGKGIHQIFGAAFKSLFGGMSWFSQILIGTLLMWLGLNTK
NGSISLMCLALGGVLIFLSTAVSA
;
A,C,B
4 'polypeptide(L)' AVTLPSHSTRKLQTRSQTWLESREYTKHLIRVENWIFRNPGFALAAAAIAWLLGSSTSQKVIYLVMILLIAPAAA D,F,E
#
# COMPACT_ATOMS: atom_id res chain seq x y z
CA ARG A 1 -6.48 -18.65 -53.93
CA VAL A 2 -6.07 -17.18 -50.44
CA HIS A 3 -7.03 -19.69 -47.75
CA LEU A 4 -7.27 -19.00 -44.01
CA VAL A 5 -8.11 -21.90 -41.72
CA GLU A 6 -8.71 -21.63 -37.97
CA SER A 7 -8.11 -24.14 -35.20
CA GLY A 8 -8.03 -24.47 -31.42
CA GLY A 9 -11.69 -23.66 -30.85
CA GLY A 10 -13.91 -25.74 -28.60
CA VAL A 11 -15.08 -25.90 -25.00
CA VAL A 12 -13.03 -24.28 -22.25
CA GLN A 13 -13.50 -23.72 -18.54
CA PRO A 14 -13.99 -20.11 -17.42
CA GLY A 15 -10.77 -18.92 -15.87
CA ARG A 16 -8.77 -21.19 -18.19
CA SER A 17 -6.44 -20.87 -21.15
CA LEU A 18 -6.87 -21.78 -24.80
CA ARG A 19 -4.67 -21.59 -27.89
CA LEU A 20 -6.03 -20.50 -31.26
CA SER A 21 -4.14 -21.08 -34.50
CA CYS A 22 -4.61 -19.94 -38.09
CA VAL A 23 -2.72 -21.46 -41.03
CA ALA A 24 -2.44 -19.23 -44.08
CA SER A 25 -1.87 -20.56 -47.57
CA GLY A 26 -1.89 -19.51 -51.21
CA PHE A 27 -0.41 -16.05 -50.59
CA ALA A 28 2.50 -14.20 -49.01
CA PHE A 29 1.96 -14.70 -45.28
CA SER A 30 4.95 -12.37 -44.76
CA ASN A 31 3.30 -9.41 -46.53
CA TYR A 32 -0.12 -9.51 -44.84
CA HIS A 33 -1.18 -8.16 -41.47
CA MET A 34 -2.98 -10.97 -39.63
CA HIS A 35 -5.94 -9.87 -37.53
CA TRP A 36 -8.27 -11.67 -35.12
CA VAL A 37 -11.98 -10.84 -35.15
CA ARG A 38 -14.39 -12.63 -32.82
CA GLN A 39 -18.17 -12.81 -33.15
CA ALA A 40 -20.42 -14.33 -30.50
CA PRO A 41 -23.60 -15.92 -31.89
CA GLY A 42 -26.19 -13.37 -32.92
CA LYS A 43 -24.12 -10.23 -32.39
CA GLY A 44 -21.85 -7.95 -34.38
CA LEU A 45 -18.21 -8.24 -35.32
CA GLU A 46 -15.59 -7.23 -32.75
CA TRP A 47 -12.02 -6.47 -33.77
CA VAL A 48 -9.68 -8.21 -31.33
CA ALA A 49 -6.06 -7.88 -32.35
CA ILE A 50 -3.60 -7.33 -35.19
CA ILE A 51 -0.12 -8.58 -35.95
CA TRP A 52 2.03 -7.06 -38.66
CA ASP A 53 3.43 -8.95 -41.62
CA ASP A 54 6.71 -9.23 -39.72
CA GLY A 55 4.95 -9.01 -36.35
CA SER A 56 6.92 -5.90 -35.41
CA ASP A 57 4.09 -4.39 -33.36
CA GLN A 58 1.02 -5.86 -31.67
CA TYR A 59 -2.28 -4.13 -30.98
CA TYR A 60 -5.26 -5.52 -29.11
CA ALA A 61 -8.73 -4.33 -28.24
CA ASP A 62 -9.40 -2.80 -24.83
CA SER A 63 -11.68 -5.75 -24.04
CA VAL A 64 -8.80 -8.11 -24.78
CA LYS A 65 -5.94 -5.84 -23.71
CA GLY A 66 -3.71 -7.58 -21.16
CA ARG A 67 -5.64 -10.83 -21.64
CA PHE A 68 -4.87 -12.18 -25.11
CA THR A 69 -1.68 -12.30 -27.12
CA ILE A 70 -1.33 -12.75 -30.87
CA SER A 71 1.66 -14.29 -32.64
CA ARG A 72 2.57 -15.65 -36.06
CA ASP A 73 5.29 -17.67 -37.79
CA ASN A 74 6.19 -16.50 -41.29
CA SER A 75 8.44 -19.58 -41.57
CA LYS A 76 5.36 -21.81 -41.28
CA ASN A 77 2.61 -19.33 -42.31
CA THR A 78 0.40 -19.69 -39.24
CA LEU A 79 -1.32 -17.11 -37.03
CA PHE A 80 -1.59 -17.80 -33.31
CA LEU A 81 -3.87 -16.35 -30.64
CA GLN A 82 -3.15 -17.62 -27.12
CA MET A 83 -6.52 -17.45 -25.40
CA ASN A 84 -6.02 -16.94 -21.69
CA ARG A 85 -7.86 -17.37 -18.36
CA LEU A 86 -11.13 -17.19 -20.21
CA ARG A 87 -14.51 -15.87 -19.16
CA ALA A 88 -18.05 -16.50 -20.35
CA GLU A 89 -18.19 -13.48 -22.67
CA ASP A 90 -15.28 -14.80 -24.75
CA THR A 91 -17.64 -17.48 -26.04
CA ALA A 92 -17.53 -16.39 -29.67
CA LEU A 93 -16.60 -17.48 -33.18
CA TYR A 94 -13.07 -16.19 -33.81
CA TYR A 95 -12.30 -15.29 -37.42
CA CYS A 96 -8.68 -15.28 -38.54
CA VAL A 97 -8.52 -12.36 -40.97
CA GLY A 98 -5.75 -10.50 -42.75
CA GLY A 99 -4.93 -7.50 -44.93
CA SER A 100 -2.03 -7.15 -47.34
CA SER A 101 0.30 -4.39 -46.17
CA ALA A 102 1.34 -3.20 -49.65
CA TYR A 103 -0.11 0.20 -50.50
CA ASN A 104 1.66 1.61 -53.56
CA GLY A 105 2.35 -1.84 -55.03
CA ASP A 106 5.83 -3.30 -54.42
CA ASN A 107 6.72 0.26 -53.38
CA GLY A 108 4.58 1.43 -50.48
CA TRP A 109 3.81 0.14 -47.01
CA ARG A 110 0.81 0.60 -44.72
CA GLU A 111 -0.46 -0.71 -41.40
CA ALA A 112 -4.12 0.11 -42.12
CA ALA A 113 -4.13 -2.70 -44.68
CA SER A 114 -7.92 -3.12 -44.18
CA LEU A 115 -9.42 -6.59 -43.72
CA ASP A 116 -8.94 -8.17 -47.14
CA ASP A 117 -9.15 -11.94 -46.64
CA TRP A 118 -11.42 -13.61 -44.09
CA GLY A 119 -11.00 -17.16 -42.82
CA GLN A 120 -13.76 -19.59 -41.94
CA GLY A 121 -13.35 -18.96 -38.22
CA THR A 122 -13.55 -21.29 -35.25
CA LEU A 123 -16.07 -21.32 -32.40
CA VAL A 124 -14.70 -20.99 -28.86
CA THR A 125 -17.18 -21.85 -26.09
CA VAL A 126 -16.31 -20.87 -22.53
CA SER A 127 -18.44 -23.10 -20.33
CA SER A 128 -17.94 -25.50 -17.42
CA ALA A 129 -20.12 -28.14 -19.09
CA SER A 130 -18.57 -31.23 -20.64
CA THR A 131 -18.68 -32.49 -24.22
CA LYS A 132 -21.20 -35.19 -25.18
CA GLY A 133 -21.48 -37.10 -28.43
CA PRO A 134 -24.52 -36.78 -30.67
CA SER A 135 -26.92 -39.59 -31.49
CA VAL A 136 -27.73 -40.13 -35.17
CA PHE A 137 -31.07 -41.67 -36.11
CA PRO A 138 -32.35 -42.24 -39.67
CA LEU A 139 -35.47 -40.42 -40.83
CA ALA A 140 -36.76 -42.74 -43.53
CA PRO A 141 -39.11 -41.38 -46.20
CA SER A 142 -42.83 -41.54 -45.57
CA SER A 143 -44.65 -44.83 -46.11
CA LYS A 144 -46.64 -43.40 -49.05
CA SER A 145 -43.71 -41.51 -50.61
CA THR A 146 -41.88 -44.55 -52.02
CA SER A 147 -44.08 -44.59 -55.16
CA GLY A 148 -44.48 -41.05 -56.48
CA GLY A 149 -42.53 -38.06 -57.72
CA THR A 150 -40.28 -37.24 -54.78
CA ALA A 151 -39.68 -38.09 -51.12
CA ALA A 152 -37.94 -36.61 -48.10
CA LEU A 153 -35.40 -38.56 -46.05
CA GLY A 154 -33.15 -37.18 -43.38
CA CYS A 155 -31.01 -37.68 -40.31
CA LEU A 156 -31.68 -36.72 -36.70
CA VAL A 157 -28.72 -35.48 -34.64
CA LYS A 158 -29.85 -35.57 -31.01
CA ASP A 159 -28.43 -34.48 -27.67
CA TYR A 160 -24.95 -33.14 -28.43
CA PHE A 161 -22.90 -30.48 -26.69
CA PRO A 162 -21.34 -28.18 -27.71
CA GLU A 163 -21.82 -26.64 -31.13
CA PRO A 164 -21.16 -27.11 -33.97
CA VAL A 165 -21.94 -30.42 -35.68
CA THR A 166 -21.29 -31.06 -39.35
CA VAL A 167 -23.58 -33.36 -41.33
CA SER A 168 -22.63 -34.45 -44.85
CA TRP A 169 -24.25 -36.90 -47.27
CA ASN A 170 -22.71 -39.70 -49.34
CA SER A 171 -19.17 -38.79 -48.20
CA GLY A 172 -19.74 -35.22 -49.39
CA ALA A 173 -21.00 -36.27 -52.85
CA LEU A 174 -24.59 -35.12 -52.32
CA THR A 175 -25.44 -31.42 -51.93
CA SER A 176 -28.38 -30.87 -54.31
CA GLY A 177 -31.53 -30.47 -52.23
CA VAL A 178 -29.80 -30.89 -48.86
CA HIS A 179 -31.31 -28.71 -46.12
CA THR A 180 -29.58 -28.78 -42.74
CA PHE A 181 -31.88 -27.25 -40.16
CA PRO A 182 -30.55 -25.06 -37.33
CA ALA A 183 -30.03 -26.87 -34.04
CA VAL A 184 -32.52 -26.53 -31.20
CA LEU A 185 -31.45 -25.43 -27.72
CA GLN A 186 -33.20 -28.00 -25.57
CA SER A 187 -34.50 -27.25 -22.09
CA SER A 188 -31.75 -29.56 -20.82
CA GLY A 189 -29.27 -27.30 -22.65
CA LEU A 190 -28.33 -29.96 -25.20
CA TYR A 191 -28.52 -29.48 -28.94
CA SER A 192 -30.54 -31.44 -31.48
CA LEU A 193 -30.07 -31.08 -35.23
CA SER A 194 -31.64 -32.54 -38.35
CA SER A 195 -30.45 -32.80 -41.95
CA VAL A 196 -33.00 -33.85 -44.58
CA VAL A 197 -32.42 -34.35 -48.31
CA THR A 198 -35.26 -34.39 -50.83
CA VAL A 199 -34.75 -37.17 -53.36
CA PRO A 200 -36.82 -38.42 -56.32
CA SER A 201 -38.99 -41.47 -55.72
CA SER A 202 -37.42 -43.24 -58.71
CA SER A 203 -33.92 -43.41 -57.21
CA LEU A 204 -34.90 -44.95 -53.88
CA GLY A 205 -34.23 -48.68 -54.09
CA THR A 206 -31.23 -48.23 -56.39
CA GLN A 207 -29.44 -45.20 -54.93
CA THR A 208 -28.17 -45.41 -51.35
CA TYR A 209 -27.96 -42.48 -48.95
CA ILE A 210 -25.39 -42.17 -46.15
CA CYS A 211 -25.26 -38.99 -44.08
CA ASN A 212 -21.99 -38.10 -42.36
CA VAL A 213 -22.53 -36.54 -38.93
CA ASN A 214 -19.38 -35.18 -37.31
CA HIS A 215 -19.10 -33.61 -33.84
CA LYS A 216 -15.42 -32.70 -33.54
CA PRO A 217 -15.80 -31.44 -29.92
CA SER A 218 -16.94 -34.95 -28.99
CA ASN A 219 -14.93 -36.61 -31.81
CA THR A 220 -18.10 -38.36 -32.99
CA LYS A 221 -18.12 -39.27 -36.67
CA VAL A 222 -21.07 -41.63 -37.12
CA ASP A 223 -21.72 -42.36 -40.81
CA LYS A 224 -25.33 -43.51 -40.65
CA LYS A 225 -27.28 -44.94 -43.60
CA VAL A 226 -31.00 -44.59 -44.29
CA GLU A 227 -32.98 -46.65 -46.79
CA PRO A 228 -36.58 -46.48 -48.05
CA LYS A 229 -39.05 -48.74 -46.25
CA SER A 230 -42.21 -50.18 -47.81
CA CYS A 231 -43.99 -50.57 -44.49
CA SER B 1 -17.82 2.49 -8.75
CA ALA B 2 -20.56 0.43 -7.10
CA LEU B 3 -20.67 -2.02 -4.20
CA THR B 4 -22.26 -5.45 -4.60
CA GLN B 5 -25.28 -5.06 -2.32
CA PRO B 6 -28.20 -7.53 -2.54
CA ALA B 7 -31.39 -6.41 -4.25
CA SER B 8 -33.98 -7.66 -1.75
CA VAL B 9 -33.86 -9.44 1.60
CA SER B 10 -36.95 -11.14 3.04
CA GLY B 11 -37.46 -12.56 6.52
CA SER B 12 -40.13 -13.35 9.09
CA PRO B 13 -40.67 -10.96 12.01
CA GLY B 14 -38.27 -11.60 14.89
CA GLN B 15 -35.74 -13.27 12.60
CA SER B 16 -32.23 -12.08 11.75
CA ILE B 17 -31.18 -11.02 8.26
CA THR B 18 -27.85 -10.07 6.70
CA ILE B 19 -27.27 -7.43 4.02
CA PHE B 20 -24.18 -7.94 1.85
CA CYS B 21 -21.69 -5.21 1.00
CA SER B 22 -18.73 -6.56 -0.95
CA GLY B 23 -16.05 -4.49 -2.65
CA SER B 24 -12.28 -4.58 -3.07
CA SER B 25 -9.21 -3.93 -0.94
CA ASN B 26 -9.50 -0.20 -1.70
CA ASP B 27 -13.09 0.49 -0.63
CA VAL B 28 -14.46 -2.10 1.80
CA GLY B 29 -11.79 -4.67 2.66
CA GLY B 30 -9.08 -2.07 3.17
CA TYR B 31 -10.90 0.24 5.56
CA ASN B 32 -13.08 0.28 8.66
CA TYR B 33 -15.09 3.07 7.05
CA VAL B 34 -18.05 1.23 5.50
CA SER B 35 -21.31 2.83 6.57
CA TRP B 36 -24.92 1.65 6.38
CA TYR B 37 -27.97 3.80 5.64
CA GLN B 38 -31.69 3.07 5.84
CA GLN B 39 -33.99 4.76 3.32
CA TYR B 40 -37.69 4.45 3.88
CA PRO B 41 -39.63 5.34 0.71
CA GLY B 42 -40.44 9.03 0.54
CA LYS B 43 -37.84 10.24 3.07
CA VAL B 44 -34.14 11.05 3.42
CA PRO B 45 -31.93 8.01 4.18
CA LYS B 46 -30.79 7.62 7.78
CA LEU B 47 -27.31 6.48 8.84
CA LEU B 48 -27.75 3.23 10.75
CA ILE B 49 -24.17 1.99 11.06
CA TYR B 50 -20.93 3.76 10.19
CA ASP B 51 -17.38 2.37 10.18
CA VAL B 52 -18.30 -1.31 9.95
CA ASN B 53 -19.94 -1.54 13.39
CA SER B 54 -20.04 1.91 15.04
CA ARG B 55 -23.53 3.33 15.43
CA PRO B 56 -24.87 6.89 15.78
CA SER B 57 -26.98 7.73 18.79
CA GLY B 58 -30.70 7.08 18.52
CA VAL B 59 -30.44 3.91 16.42
CA SER B 60 -31.98 0.61 17.47
CA ASN B 61 -29.75 -2.17 18.80
CA ARG B 62 -31.32 -4.46 16.23
CA PHE B 63 -28.87 -3.16 13.60
CA SER B 64 -25.33 -4.52 13.58
CA GLY B 65 -22.76 -4.16 10.84
CA SER B 66 -20.09 -6.81 10.27
CA LYS B 67 -17.29 -6.91 7.73
CA SER B 68 -15.23 -9.90 6.59
CA GLY B 69 -12.60 -9.54 3.90
CA ASN B 70 -13.79 -7.24 1.12
CA THR B 71 -17.40 -7.88 2.17
CA ALA B 72 -19.33 -5.85 4.73
CA SER B 73 -22.56 -7.17 6.21
CA LEU B 74 -25.51 -5.43 7.87
CA THR B 75 -27.41 -7.60 10.33
CA ILE B 76 -30.97 -6.75 11.39
CA SER B 77 -32.01 -8.87 14.37
CA GLY B 78 -35.59 -9.27 15.54
CA LEU B 79 -37.35 -8.25 12.34
CA GLN B 80 -40.23 -5.81 12.73
CA ALA B 81 -42.61 -4.22 10.25
CA GLU B 82 -40.72 -0.98 10.91
CA ASP B 83 -37.69 -2.53 9.19
CA GLU B 84 -39.20 -2.34 5.68
CA ALA B 85 -36.96 0.14 3.87
CA ASP B 86 -34.10 0.61 1.41
CA TYR B 87 -30.65 -0.15 2.81
CA TYR B 88 -27.43 1.24 1.33
CA CYS B 89 -23.77 0.77 2.22
CA SER B 90 -21.12 3.41 1.60
CA SER B 91 -17.39 3.09 2.13
CA TYR B 92 -14.32 5.25 1.71
CA THR B 93 -12.27 4.51 -1.41
CA SER B 94 -8.51 4.70 -1.96
CA ARG B 95 -9.36 7.18 -4.74
CA ARG B 96 -10.25 9.57 -1.88
CA THR B 97 -13.89 9.00 -2.87
CA TRP B 98 -17.04 7.37 -1.53
CA VAL B 99 -18.88 4.47 -3.12
CA PHE B 100 -22.42 3.35 -2.33
CA GLY B 101 -23.82 -0.14 -2.64
CA GLY B 102 -26.42 -1.44 -5.04
CA GLY B 103 -29.01 -0.99 -2.30
CA THR B 104 -31.18 -3.52 -0.50
CA ILE B 105 -34.93 -3.38 0.04
CA VAL B 106 -35.95 -5.38 3.11
CA THR B 107 -39.49 -6.68 3.49
CA VAL B 108 -40.94 -8.38 6.56
CA LEU B 109 -42.94 -11.47 5.68
CA GLY B 110 -46.19 -12.60 7.24
CA GLN B 111 -47.94 -9.27 7.24
CA PRO B 112 -51.74 -9.02 7.40
CA LYS B 113 -53.78 -8.23 4.32
CA ALA B 114 -55.06 -4.65 4.10
CA ASN B 115 -58.30 -3.87 2.26
CA PRO B 116 -57.86 -0.87 -0.07
CA THR B 117 -59.62 2.36 0.84
CA VAL B 118 -61.28 3.91 -2.22
CA THR B 119 -62.16 7.60 -2.45
CA LEU B 120 -64.11 8.58 -5.56
CA PHE B 121 -64.37 12.24 -6.48
CA PRO B 122 -66.64 13.61 -9.21
CA PRO B 123 -64.98 16.20 -11.46
CA SER B 124 -65.13 19.60 -9.81
CA SER B 125 -67.38 22.29 -11.22
CA GLU B 126 -64.38 24.49 -12.06
CA GLU B 127 -63.15 21.64 -14.24
CA LEU B 128 -66.64 21.37 -15.75
CA GLN B 129 -66.46 24.94 -17.03
CA ALA B 130 -62.88 24.11 -18.07
CA ASN B 131 -64.33 21.92 -20.91
CA LYS B 132 -62.88 18.84 -19.14
CA ALA B 133 -63.90 16.38 -16.44
CA THR B 134 -61.62 14.17 -14.35
CA LEU B 135 -62.84 11.48 -11.98
CA VAL B 136 -60.37 10.92 -9.13
CA CYS B 137 -60.11 7.33 -7.90
CA LEU B 138 -57.77 7.09 -4.91
CA ILE B 139 -56.64 3.72 -3.56
CA SER B 140 -54.94 3.73 -0.17
CA ASP B 141 -54.11 1.45 2.75
CA PHE B 142 -53.94 -1.90 0.98
CA TYR B 143 -51.58 -4.84 1.37
CA PRO B 144 -50.16 -6.44 -0.72
CA GLY B 145 -49.64 -3.73 -3.33
CA ALA B 146 -51.76 -5.42 -6.02
CA VAL B 147 -54.92 -3.49 -6.95
CA THR B 148 -56.67 -3.97 -10.29
CA VAL B 149 -58.56 -0.86 -11.38
CA ALA B 150 -61.58 -0.90 -13.68
CA TRP B 151 -63.92 1.90 -14.75
CA LYS B 152 -67.47 1.45 -16.04
CA ALA B 153 -69.66 4.08 -17.71
CA ASP B 154 -72.94 2.94 -16.12
CA GLY B 155 -72.16 -0.35 -17.83
CA SER B 156 -69.31 -1.78 -19.93
CA PRO B 157 -65.60 -1.01 -19.37
CA VAL B 158 -64.10 2.44 -19.95
CA LYS B 159 -60.85 2.81 -21.88
CA ALA B 160 -60.68 6.50 -22.82
CA GLY B 161 -58.72 8.72 -20.47
CA VAL B 162 -57.94 5.91 -18.02
CA GLU B 163 -54.81 6.71 -16.00
CA THR B 164 -53.70 4.64 -13.02
CA THR B 165 -50.64 5.07 -10.84
CA LYS B 166 -48.72 2.05 -9.62
CA PRO B 167 -49.36 0.98 -6.01
CA SER B 168 -47.14 3.10 -3.78
CA LYS B 169 -45.92 2.09 -0.33
CA GLN B 170 -46.71 4.50 2.49
CA SER B 171 -45.71 5.09 6.11
CA ASN B 172 -47.75 2.26 7.68
CA ASN B 173 -46.22 -0.40 5.39
CA LYS B 174 -49.48 -0.36 3.42
CA TYR B 175 -49.82 0.80 -0.18
CA ALA B 176 -51.40 3.70 -2.03
CA ALA B 177 -52.49 4.31 -5.62
CA SER B 178 -54.28 6.89 -7.76
CA SER B 179 -56.59 6.56 -10.75
CA TYR B 180 -57.71 9.54 -12.84
CA LEU B 181 -60.46 9.26 -15.46
CA SER B 182 -60.02 12.22 -17.85
CA LEU B 183 -63.23 12.55 -19.88
CA THR B 184 -65.08 15.25 -21.80
CA PRO B 185 -68.19 16.71 -20.12
CA GLU B 186 -70.57 15.44 -22.82
CA GLN B 187 -69.52 11.83 -22.25
CA TRP B 188 -69.75 12.46 -18.50
CA LYS B 189 -73.33 13.70 -18.82
CA SER B 190 -74.44 11.13 -21.42
CA HIS B 191 -73.67 8.25 -19.05
CA ARG B 192 -75.93 8.34 -16.00
CA SER B 193 -73.26 7.17 -13.55
CA TYR B 194 -69.55 6.39 -13.39
CA SER B 195 -68.00 3.81 -11.07
CA CYS B 196 -64.36 3.13 -10.28
CA GLN B 197 -64.23 -0.52 -9.23
CA VAL B 198 -60.88 -1.78 -7.94
CA THR B 199 -59.89 -5.41 -7.39
CA HIS B 200 -57.42 -6.38 -4.67
CA GLU B 201 -56.82 -10.05 -3.81
CA GLY B 202 -60.12 -11.27 -5.21
CA SER B 203 -62.15 -8.60 -3.45
CA THR B 204 -63.40 -5.83 -5.75
CA VAL B 205 -64.11 -2.51 -4.05
CA GLU B 206 -66.58 -0.27 -5.88
CA LYS B 207 -67.39 3.43 -5.67
CA THR B 208 -70.16 5.17 -7.60
CA VAL B 209 -70.63 8.82 -8.56
CA ALA B 210 -73.09 10.56 -10.88
CA PRO B 211 -73.29 13.96 -12.61
CA THR B 212 -76.29 14.80 -10.36
CA ARG C 1 -30.27 22.11 15.25
CA VAL C 2 -28.35 21.02 12.15
CA HIS C 3 -30.29 22.29 9.13
CA LEU C 4 -29.32 22.01 5.46
CA VAL C 5 -31.16 23.78 2.64
CA GLU C 6 -30.93 22.71 -1.00
CA SER C 7 -31.96 25.13 -3.73
CA GLY C 8 -31.68 25.71 -7.47
CA GLY C 9 -33.53 22.61 -8.64
CA GLY C 10 -35.76 22.74 -11.69
CA VAL C 11 -35.57 22.37 -15.46
CA VAL C 12 -32.19 22.74 -17.13
CA GLN C 13 -31.67 22.26 -20.84
CA PRO C 14 -29.34 19.36 -21.74
CA GLY C 15 -25.72 20.36 -22.19
CA ARG C 16 -26.06 23.41 -19.95
CA SER C 17 -24.72 24.58 -16.59
CA LEU C 18 -26.54 24.73 -13.26
CA ARG C 19 -25.50 25.82 -9.78
CA LEU C 20 -26.85 24.17 -6.63
CA SER C 21 -26.74 26.16 -3.40
CA CYS C 22 -26.64 24.49 0.01
CA VAL C 23 -27.44 26.61 3.07
CA ALA C 24 -26.09 25.35 6.38
CA SER C 25 -27.23 26.67 9.75
CA GLY C 26 -27.10 25.83 13.44
CA PHE C 27 -23.55 24.46 13.45
CA ALA C 28 -19.94 25.41 12.76
CA PHE C 29 -19.83 24.95 8.99
CA SER C 30 -16.03 25.29 9.15
CA ASN C 31 -15.54 21.87 10.77
CA TYR C 32 -17.76 19.58 8.67
CA HIS C 33 -16.72 17.92 5.44
CA MET C 34 -19.42 18.45 2.83
CA HIS C 35 -20.50 15.70 0.46
CA TRP C 36 -22.92 15.50 -2.45
CA VAL C 37 -25.11 12.43 -2.99
CA ARG C 38 -27.62 12.35 -5.83
CA GLN C 39 -30.43 9.81 -6.12
CA ALA C 40 -32.55 9.36 -9.21
CA PRO C 41 -36.28 8.86 -8.52
CA GLY C 42 -36.59 5.25 -7.42
CA LYS C 43 -32.87 4.44 -7.71
CA GLY C 44 -29.91 3.91 -5.42
CA LEU C 45 -27.71 6.49 -3.78
CA GLU C 46 -24.87 7.99 -5.81
CA TRP C 47 -22.04 9.82 -4.07
CA VAL C 48 -21.23 12.86 -6.20
CA ALA C 49 -18.47 14.99 -4.69
CA ILE C 50 -16.65 16.00 -1.52
CA ILE C 51 -15.34 19.33 -0.27
CA TRP C 52 -13.48 19.53 3.01
CA ASP C 53 -14.56 21.64 5.97
CA ASP C 54 -11.99 24.28 4.96
CA GLY C 55 -12.48 23.55 1.26
CA SER C 56 -8.79 22.68 0.87
CA ASP C 57 -9.40 19.54 -1.21
CA GLN C 58 -12.23 18.56 -3.51
CA TYR C 59 -12.85 15.17 -5.10
CA TYR C 60 -15.61 14.05 -7.44
CA ALA C 61 -17.22 10.88 -8.72
CA ASP C 62 -15.86 9.48 -11.98
CA SER C 63 -19.25 10.16 -13.57
CA VAL C 64 -18.99 13.86 -12.63
CA LYS C 65 -15.23 14.29 -12.97
CA GLY C 66 -14.31 17.35 -14.99
CA ARG C 67 -17.98 18.40 -15.14
CA PHE C 68 -19.24 19.33 -11.67
CA THR C 69 -17.64 21.83 -9.30
CA ILE C 70 -18.11 21.64 -5.52
CA SER C 71 -17.42 24.84 -3.59
CA ARG C 72 -18.28 26.40 -0.25
CA ASP C 73 -17.81 29.54 1.83
CA ASN C 74 -17.43 28.95 5.56
CA SER C 75 -18.03 32.66 6.28
CA LYS C 76 -21.67 32.34 5.17
CA ASN C 77 -22.30 28.64 5.95
CA THR C 78 -23.53 28.20 2.38
CA LEU C 79 -22.32 25.88 -0.37
CA PHE C 80 -22.24 25.83 -4.17
CA LEU C 81 -22.32 22.83 -6.49
CA GLN C 82 -21.70 24.07 -10.04
CA MET C 83 -22.72 21.58 -12.72
CA ASN C 84 -21.41 22.25 -16.22
CA ARG C 85 -22.50 20.56 -19.46
CA LEU C 86 -25.47 18.81 -17.88
CA ARG C 87 -26.92 15.55 -19.18
CA ALA C 88 -30.24 13.78 -18.73
CA GLU C 89 -28.31 11.25 -16.64
CA ASP C 90 -27.77 14.10 -14.16
CA THR C 91 -31.54 14.25 -13.59
CA ALA C 92 -31.69 13.14 -9.95
CA LEU C 93 -32.49 14.38 -6.47
CA TYR C 94 -29.24 15.89 -5.15
CA TYR C 95 -28.72 15.68 -1.39
CA CYS C 96 -26.42 18.18 0.31
CA VAL C 97 -24.89 16.17 3.15
CA GLY C 98 -22.02 16.50 5.57
CA GLY C 99 -19.93 14.85 8.28
CA SER C 100 -17.87 16.30 11.11
CA SER C 101 -14.13 16.33 10.37
CA ALA C 102 -12.89 15.34 13.82
CA TYR C 103 -12.01 11.90 15.13
CA ASN C 104 -10.40 12.23 18.56
CA GLY C 105 -12.42 15.35 19.43
CA ASP C 106 -10.71 18.75 19.17
CA ASN C 107 -7.45 16.75 19.08
CA GLY C 108 -7.60 14.40 16.11
CA TRP C 109 -8.49 15.14 12.52
CA ARG C 110 -10.01 12.61 10.11
CA GLU C 111 -10.73 12.87 6.40
CA ALA C 112 -13.33 10.08 6.46
CA ALA C 113 -15.81 12.25 8.36
CA SER C 114 -18.55 9.73 7.43
CA LEU C 115 -22.05 10.71 6.30
CA ASP C 116 -23.54 12.16 9.48
CA ASP C 117 -25.93 14.96 8.51
CA TRP C 118 -28.17 14.65 5.46
CA GLY C 119 -30.13 17.50 3.91
CA GLN C 120 -33.59 17.15 2.42
CA GLY C 121 -32.16 17.46 -1.08
CA THR C 122 -33.29 19.13 -4.27
CA LEU C 123 -34.46 17.56 -7.53
CA VAL C 124 -32.46 18.46 -10.64
CA THR C 125 -34.31 17.86 -13.91
CA VAL C 126 -32.25 18.00 -17.11
CA SER C 127 -34.97 18.44 -19.73
CA SER C 128 -35.56 20.57 -22.80
CA ALA C 129 -39.27 20.88 -22.00
CA SER C 130 -40.47 24.11 -20.44
CA THR C 131 -42.09 24.30 -17.01
CA LYS C 132 -45.88 23.98 -17.04
CA GLY C 133 -48.00 25.61 -14.37
CA PRO C 134 -50.40 23.45 -12.37
CA SER C 135 -54.16 23.78 -12.15
CA VAL C 136 -55.49 23.64 -8.59
CA PHE C 137 -59.11 22.64 -8.06
CA PRO C 138 -61.04 21.88 -4.86
CA LEU C 139 -62.61 18.50 -4.15
CA ALA C 140 -65.64 19.18 -1.96
CA PRO C 141 -66.81 16.63 0.60
CA SER C 142 -69.44 14.33 -0.85
CA SER C 143 -73.08 15.41 -0.74
CA LYS C 144 -73.93 12.40 1.48
CA SER C 145 -70.85 12.81 3.69
CA THR C 146 -71.96 15.91 5.60
CA SER C 147 -74.65 13.81 7.31
CA GLY C 148 -72.40 11.15 8.78
CA GLY C 149 -69.28 10.49 10.83
CA THR C 150 -66.52 11.67 8.50
CA ALA C 151 -66.06 13.37 5.15
CA ALA C 152 -63.26 13.40 2.57
CA LEU C 153 -62.07 16.60 0.93
CA GLY C 154 -58.97 17.55 -0.99
CA CYS C 155 -57.45 19.46 -3.88
CA LEU C 156 -56.40 18.30 -7.33
CA VAL C 157 -53.13 19.44 -8.90
CA LYS C 158 -53.44 18.81 -12.63
CA ASP C 159 -51.14 19.09 -15.66
CA TYR C 160 -47.96 20.52 -14.14
CA PHE C 161 -44.30 20.14 -15.06
CA PRO C 162 -41.87 19.36 -13.56
CA GLU C 163 -41.77 17.68 -10.17
CA PRO C 164 -42.01 18.42 -7.30
CA VAL C 165 -45.17 20.13 -6.05
CA THR C 166 -45.80 20.79 -2.37
CA VAL C 167 -49.33 20.78 -0.96
CA SER C 168 -50.12 22.13 2.51
CA TRP C 169 -53.43 22.61 4.32
CA ASN C 170 -54.70 25.50 6.46
CA SER C 171 -51.40 27.27 5.72
CA GLY C 172 -49.57 24.18 6.97
CA ALA C 173 -51.62 23.94 10.20
CA LEU C 174 -53.24 20.59 9.34
CA THR C 175 -51.35 17.36 8.64
CA SER C 176 -53.32 14.69 10.56
CA GLY C 177 -55.22 12.45 8.16
CA VAL C 178 -53.68 14.03 5.04
CA HIS C 179 -52.85 11.52 2.31
CA THR C 180 -51.12 13.22 -0.63
CA PHE C 181 -51.37 10.51 -3.26
CA PRO C 182 -48.39 10.08 -5.61
CA ALA C 183 -48.63 12.02 -8.85
CA VAL C 184 -49.48 10.38 -12.18
CA LEU C 185 -47.26 10.74 -15.25
CA GLN C 186 -49.84 11.52 -17.92
CA SER C 187 -49.43 10.23 -21.45
CA SER C 188 -48.95 13.84 -22.55
CA GLY C 189 -45.97 13.95 -20.17
CA LEU C 190 -47.56 16.31 -17.64
CA TYR C 191 -48.03 15.39 -13.99
CA SER C 192 -51.28 15.29 -12.02
CA LEU C 193 -51.43 15.01 -8.24
CA SER C 194 -54.09 14.91 -5.55
CA SER C 195 -53.98 15.45 -1.80
CA VAL C 196 -57.08 14.60 0.25
CA VAL C 197 -57.66 15.24 3.96
CA THR C 198 -60.12 13.05 5.84
CA VAL C 199 -62.11 15.15 8.29
CA PRO C 200 -65.08 14.49 10.58
CA SER C 201 -68.50 15.38 9.19
CA SER C 202 -69.14 17.43 12.34
CA SER C 203 -66.32 19.89 11.55
CA LEU C 204 -67.51 21.03 8.13
CA GLY C 205 -69.44 24.28 8.57
CA THR C 206 -67.20 25.43 11.43
CA GLN C 207 -63.76 24.37 10.19
CA THR C 208 -62.35 25.90 7.03
CA TYR C 209 -59.93 24.06 4.74
CA ILE C 210 -57.40 25.84 2.53
CA CYS C 211 -54.94 23.74 0.53
CA ASN C 212 -51.58 25.39 -0.16
CA VAL C 213 -50.18 24.08 -3.46
CA ASN C 214 -46.74 25.27 -4.55
CA HIS C 215 -45.02 24.53 -7.87
CA LYS C 216 -41.70 26.34 -7.63
CA PRO C 217 -40.34 25.64 -11.18
CA SER C 218 -43.50 27.26 -12.54
CA ASN C 219 -43.58 29.57 -9.47
CA THR C 220 -47.23 28.69 -8.85
CA LYS C 221 -48.49 29.11 -5.30
CA VAL C 222 -52.28 28.83 -5.60
CA ASP C 223 -53.97 28.35 -2.22
CA LYS C 224 -57.39 26.96 -3.04
CA LYS C 225 -60.22 26.60 -0.52
CA VAL C 226 -62.46 23.58 -0.02
CA GLU C 227 -66.10 23.98 1.01
CA PRO C 228 -69.04 21.54 1.10
CA LYS C 229 -70.65 21.12 -2.29
CA SER C 230 -73.86 23.04 -3.00
CA SER D 1 -14.69 2.08 -28.66
CA ALA D 2 -17.80 1.47 -30.77
CA LEU D 3 -19.03 2.86 -34.08
CA THR D 4 -22.63 4.07 -34.05
CA GLN D 5 -24.14 2.02 -36.86
CA PRO D 6 -27.96 1.88 -37.13
CA ALA D 7 -29.77 -1.31 -36.19
CA SER D 8 -31.89 -1.85 -39.31
CA VAL D 9 -32.54 -0.19 -42.66
CA SER D 10 -35.71 -0.88 -44.66
CA GLY D 11 -36.41 0.07 -48.27
CA SER D 12 -38.41 -0.93 -51.32
CA PRO D 13 -36.60 -2.61 -54.22
CA GLY D 14 -34.66 -0.26 -56.50
CA GLN D 15 -34.43 2.41 -53.82
CA SER D 16 -31.29 4.03 -52.41
CA ILE D 17 -30.51 3.73 -48.70
CA THR D 18 -27.88 5.11 -46.34
CA ILE D 19 -26.22 3.33 -43.41
CA PHE D 20 -24.81 5.50 -40.63
CA CYS D 21 -21.27 5.08 -39.34
CA SER D 22 -20.37 7.81 -36.86
CA GLY D 23 -17.23 7.88 -34.76
CA SER D 24 -14.78 10.45 -33.44
CA SER D 25 -12.06 12.57 -35.01
CA ASN D 26 -9.77 9.72 -33.95
CA ASP D 27 -11.51 6.82 -35.72
CA VAL D 28 -13.67 8.20 -38.53
CA GLY D 29 -12.99 11.92 -38.87
CA GLY D 30 -9.23 11.57 -38.53
CA TYR D 31 -8.46 8.87 -41.08
CA ASN D 32 -9.95 7.83 -44.39
CA TYR D 33 -9.81 4.17 -43.33
CA VAL D 34 -13.50 3.52 -42.65
CA SER D 35 -14.52 0.26 -44.29
CA TRP D 36 -17.77 -1.59 -45.02
CA TYR D 37 -18.53 -5.32 -44.80
CA GLN D 38 -21.55 -7.49 -45.62
CA GLN D 39 -22.34 -10.61 -43.58
CA TYR D 40 -25.09 -12.92 -44.75
CA PRO D 41 -26.74 -14.88 -41.93
CA GLY D 42 -24.48 -17.82 -41.15
CA LYS D 43 -21.82 -16.61 -43.59
CA VAL D 44 -18.30 -15.18 -43.34
CA PRO D 45 -18.35 -11.36 -43.59
CA LYS D 46 -17.25 -9.94 -46.94
CA LEU D 47 -15.57 -6.60 -47.54
CA LEU D 48 -17.84 -4.20 -49.47
CA ILE D 49 -16.16 -0.79 -49.20
CA TYR D 50 -12.70 0.03 -47.89
CA ASP D 51 -11.11 3.43 -47.31
CA VAL D 52 -14.33 5.48 -47.18
CA ASN D 53 -15.45 4.83 -50.76
CA SER D 54 -13.08 2.40 -52.50
CA ARG D 55 -14.44 -1.04 -53.36
CA PRO D 56 -12.68 -4.27 -54.33
CA SER D 57 -13.04 -5.98 -57.69
CA GLY D 58 -16.09 -8.19 -58.08
CA VAL D 59 -18.22 -5.90 -55.90
CA SER D 60 -21.34 -4.29 -57.32
CA ASN D 61 -21.03 -0.56 -58.05
CA ARG D 62 -24.40 -0.15 -56.31
CA PHE D 63 -22.49 0.03 -53.00
CA SER D 64 -20.96 3.46 -52.46
CA GLY D 65 -19.37 4.90 -49.35
CA SER D 66 -19.55 8.51 -48.17
CA LYS D 67 -17.91 10.18 -45.19
CA SER D 68 -18.52 13.61 -43.68
CA GLY D 69 -16.87 14.83 -40.51
CA ASN D 70 -16.93 12.07 -37.89
CA THR D 71 -19.83 10.25 -39.59
CA ALA D 72 -19.49 7.82 -42.49
CA SER D 73 -22.33 6.70 -44.75
CA LEU D 74 -22.80 3.55 -46.82
CA THR D 75 -25.10 4.06 -49.82
CA ILE D 76 -26.80 1.09 -51.49
CA SER D 77 -28.53 1.99 -54.75
CA GLY D 78 -31.03 -0.24 -56.53
CA LEU D 79 -32.13 -2.45 -53.66
CA GLN D 80 -32.37 -6.15 -54.50
CA ALA D 81 -33.37 -9.19 -52.45
CA GLU D 82 -29.71 -10.22 -52.17
CA ASP D 83 -29.08 -7.04 -50.16
CA GLU D 84 -30.90 -8.64 -47.22
CA ALA D 85 -27.96 -9.22 -44.86
CA ASP D 86 -25.94 -7.72 -42.01
CA TYR D 87 -23.78 -4.68 -42.76
CA TYR D 88 -20.86 -3.53 -40.60
CA CYS D 89 -18.47 -0.59 -40.77
CA SER D 90 -14.90 -0.69 -39.49
CA SER D 91 -12.41 2.14 -39.11
CA TYR D 92 -8.82 2.64 -38.07
CA THR D 93 -8.37 4.30 -34.68
CA SER D 94 -5.86 6.77 -33.24
CA ARG D 95 -4.90 4.05 -30.73
CA ARG D 96 -3.49 2.13 -33.74
CA THR D 97 -6.32 -0.42 -33.64
CA TRP D 98 -9.48 -1.24 -35.58
CA VAL D 99 -13.05 -0.65 -34.41
CA PHE D 100 -16.17 -2.20 -35.89
CA GLY D 101 -19.65 -0.74 -36.22
CA GLY D 102 -22.78 -1.79 -34.41
CA GLY D 103 -24.04 -3.45 -37.57
CA THR D 104 -27.04 -2.78 -39.78
CA ILE D 105 -29.37 -5.45 -41.08
CA VAL D 106 -30.85 -4.22 -44.36
CA THR D 107 -34.23 -5.61 -45.39
CA VAL D 108 -35.88 -5.00 -48.76
CA LEU D 109 -39.57 -4.17 -48.64
CA GLY D 110 -42.29 -5.62 -50.85
CA GLN D 111 -41.06 -9.19 -50.79
CA PRO D 112 -43.68 -11.76 -51.84
CA LYS D 113 -45.04 -14.07 -49.16
CA ALA D 114 -43.78 -17.65 -49.31
CA ASN D 115 -45.83 -20.60 -48.05
CA PRO D 116 -44.00 -22.94 -45.64
CA THR D 117 -42.96 -26.46 -46.59
CA VAL D 118 -43.39 -28.91 -43.71
CA THR D 119 -42.03 -32.46 -43.46
CA LEU D 120 -43.00 -34.66 -40.50
CA PHE D 121 -40.83 -37.60 -39.47
CA PRO D 122 -42.16 -40.22 -37.02
CA PRO D 123 -40.01 -41.74 -34.29
CA SER D 124 -38.08 -44.31 -36.28
CA SER D 125 -37.59 -47.88 -35.09
CA GLU D 126 -33.99 -47.45 -33.91
CA GLU D 127 -35.03 -44.45 -31.81
CA LEU D 128 -37.93 -46.35 -30.23
CA GLN D 129 -35.49 -49.16 -29.46
CA ALA D 130 -33.39 -46.49 -27.71
CA ASN D 131 -36.28 -46.02 -25.21
CA LYS D 132 -37.15 -42.62 -26.75
CA ALA D 133 -39.40 -41.19 -29.45
CA THR D 134 -38.95 -37.94 -31.38
CA LEU D 135 -41.28 -36.41 -33.96
CA VAL D 136 -39.26 -34.29 -36.38
CA CYS D 137 -41.50 -31.53 -37.75
CA LEU D 138 -39.47 -29.24 -40.00
CA ILE D 139 -40.62 -25.93 -41.51
CA SER D 140 -38.65 -24.50 -44.40
CA ASP D 141 -38.84 -22.09 -47.34
CA PHE D 142 -41.34 -19.56 -46.01
CA TYR D 143 -41.62 -15.78 -45.87
CA PRO D 144 -42.07 -13.82 -43.69
CA GLY D 145 -40.45 -15.68 -40.77
CA ALA D 146 -43.59 -15.96 -38.63
CA VAL D 147 -44.67 -19.56 -37.99
CA THR D 148 -46.70 -20.82 -35.04
CA VAL D 149 -46.19 -24.50 -34.23
CA ALA D 150 -48.78 -26.61 -32.45
CA TRP D 151 -48.71 -30.33 -31.70
CA LYS D 152 -51.80 -32.57 -31.66
CA ALA D 153 -51.98 -36.10 -30.23
CA ASP D 154 -54.88 -37.21 -32.46
CA GLY D 155 -56.68 -34.35 -30.76
CA SER D 156 -56.15 -32.24 -27.62
CA PRO D 157 -53.14 -29.92 -27.15
CA VAL D 158 -49.69 -31.39 -26.63
CA LYS D 159 -47.46 -29.97 -23.89
CA ALA D 160 -44.86 -32.69 -23.31
CA GLY D 161 -41.58 -32.39 -25.17
CA VAL D 162 -42.58 -29.43 -27.35
CA GLU D 163 -39.45 -27.68 -28.62
CA THR D 164 -39.48 -25.29 -31.57
CA THR D 165 -36.51 -23.57 -33.17
CA LYS D 166 -36.77 -19.89 -33.97
CA PRO D 167 -37.35 -18.93 -37.63
CA SER D 168 -33.99 -18.81 -39.41
CA LYS D 169 -33.25 -16.93 -42.62
CA GLN D 170 -31.73 -18.99 -45.43
CA SER D 171 -29.98 -18.44 -48.75
CA ASN D 172 -33.04 -17.46 -50.81
CA ASN D 173 -34.15 -14.81 -48.28
CA LYS D 174 -36.82 -17.21 -47.03
CA TYR D 175 -36.98 -18.82 -43.59
CA ALA D 176 -36.68 -22.25 -41.99
CA ALA D 177 -37.69 -23.68 -38.62
CA SER D 178 -37.68 -26.97 -36.73
CA SER D 179 -40.03 -28.55 -34.20
CA TYR D 180 -39.13 -31.66 -32.20
CA LEU D 181 -41.72 -33.57 -30.17
CA SER D 182 -39.90 -35.49 -27.42
CA LEU D 183 -42.09 -38.32 -26.14
CA THR D 184 -41.57 -41.73 -24.68
CA PRO D 185 -42.37 -44.81 -26.80
CA GLU D 186 -45.32 -45.60 -24.53
CA GLN D 187 -46.71 -42.12 -25.24
CA TRP D 188 -46.06 -42.68 -28.96
CA LYS D 189 -47.99 -45.96 -28.92
CA SER D 190 -50.74 -44.70 -26.59
CA HIS D 191 -52.01 -42.14 -29.10
CA ARG D 192 -53.36 -43.40 -32.42
CA SER D 193 -51.65 -40.63 -34.41
CA TYR D 194 -49.81 -37.36 -33.95
CA SER D 195 -50.34 -34.15 -35.91
CA CYS D 196 -47.89 -31.26 -36.32
CA GLN D 197 -50.05 -28.31 -37.36
CA VAL D 198 -48.15 -25.09 -38.07
CA THR D 199 -49.66 -21.65 -38.69
CA HIS D 200 -48.04 -19.13 -41.03
CA GLU D 201 -49.85 -15.99 -42.26
CA GLY D 202 -53.24 -17.36 -41.30
CA SER D 203 -52.93 -20.65 -43.15
CA THR D 204 -52.24 -23.63 -40.87
CA VAL D 205 -50.50 -26.57 -42.53
CA GLU D 206 -50.95 -29.87 -40.71
CA LYS D 207 -48.90 -33.05 -41.01
CA THR D 208 -50.09 -36.27 -39.38
CA VAL D 209 -48.19 -39.48 -38.72
CA ALA D 210 -49.27 -42.63 -36.88
CA PRO D 211 -47.50 -45.74 -35.58
CA THR D 212 -49.58 -47.64 -38.19
CA ILE E 1 21.98 -14.24 -52.24
CA ARG E 2 20.66 -13.07 -48.86
CA CYS E 3 23.67 -10.71 -48.80
CA ILE E 4 23.34 -8.41 -51.82
CA GLY E 5 24.95 -5.00 -51.30
CA VAL E 6 22.47 -4.27 -48.53
CA SER E 7 24.77 -2.76 -45.86
CA ASN E 8 27.53 -3.72 -43.43
CA ARG E 9 28.77 -6.30 -45.96
CA ASP E 10 32.04 -7.76 -44.66
CA PHE E 11 33.55 -10.47 -46.84
CA VAL E 12 36.61 -12.68 -46.43
CA GLU E 13 38.37 -14.38 -49.35
CA GLY E 14 40.12 -17.54 -48.25
CA MET E 15 39.95 -20.05 -45.39
CA SER E 16 43.64 -20.22 -44.46
CA GLY E 17 44.41 -22.31 -41.39
CA GLY E 18 43.45 -25.83 -42.43
CA THR E 19 40.02 -25.01 -43.92
CA TRP E 20 39.19 -23.23 -40.66
CA VAL E 21 38.37 -19.56 -40.23
CA ASP E 22 37.27 -17.40 -37.30
CA VAL E 23 34.42 -14.92 -37.60
CA VAL E 24 32.54 -12.36 -35.51
CA LEU E 25 28.90 -12.67 -36.55
CA GLU E 26 26.30 -10.08 -35.61
CA HIS E 27 22.77 -9.05 -36.52
CA GLY E 28 23.95 -5.56 -37.51
CA GLY E 29 25.20 -6.98 -40.81
CA CYS E 30 26.16 -10.21 -42.53
CA VAL E 31 29.38 -12.05 -43.32
CA THR E 32 30.01 -13.37 -46.83
CA VAL E 33 32.75 -15.98 -47.15
CA MET E 34 34.33 -17.25 -50.37
CA ALA E 35 37.54 -19.08 -51.19
CA GLN E 36 39.28 -21.08 -53.92
CA ASP E 37 36.79 -23.95 -53.54
CA LYS E 38 33.71 -24.74 -51.43
CA PRO E 39 31.74 -21.84 -52.90
CA THR E 40 30.48 -18.63 -51.34
CA VAL E 41 28.34 -18.84 -48.19
CA ASP E 42 26.45 -15.98 -46.55
CA ILE E 43 25.92 -16.20 -42.79
CA GLU E 44 23.61 -14.05 -40.67
CA LEU E 45 22.78 -13.94 -37.00
CA VAL E 46 19.30 -12.48 -36.72
CA THR E 47 17.29 -13.30 -33.60
CA THR E 48 18.58 -13.71 -30.06
CA THR E 49 15.95 -15.39 -27.90
CA VAL E 50 15.89 -16.05 -24.16
CA SER E 51 13.01 -18.19 -22.92
CA ASN E 52 13.29 -18.03 -19.14
CA MET E 53 13.18 -14.67 -17.35
CA ALA E 54 14.00 -14.10 -13.68
CA GLU E 55 11.75 -11.56 -11.97
CA VAL E 56 14.07 -9.67 -9.63
CA ARG E 57 12.29 -6.39 -8.86
CA SER E 58 8.99 -4.52 -9.14
CA TYR E 59 9.27 -0.73 -9.51
CA CYS E 60 6.22 1.42 -8.84
CA TYR E 61 5.21 4.18 -11.27
CA GLU E 62 1.72 5.51 -10.47
CA ALA E 63 0.36 5.28 -6.93
CA SER E 64 -3.07 5.83 -5.39
CA ILE E 65 -3.01 7.88 -2.19
CA SER E 66 -5.84 8.53 0.26
CA ASP E 67 -7.03 8.53 3.88
CA MET E 68 -5.45 11.92 4.87
CA ALA E 69 -4.94 10.28 8.26
CA SER E 70 -4.07 13.20 10.54
CA ASP E 71 -3.01 12.72 14.16
CA SER E 72 -1.89 15.67 16.29
CA ARG E 73 -0.59 15.57 19.87
CA CYS E 74 0.13 17.87 22.78
CA PRO E 75 3.72 19.18 22.71
CA THR E 76 4.94 16.79 25.44
CA GLN E 77 2.63 13.77 25.57
CA GLY E 78 4.68 11.34 23.48
CA GLU E 79 4.96 11.21 19.74
CA ALA E 80 2.04 11.26 17.36
CA TYR E 81 0.74 7.77 16.72
CA LEU E 82 -2.18 6.13 14.93
CA ASP E 83 -3.15 2.53 14.23
CA LYS E 84 -2.90 2.77 10.42
CA GLN E 85 0.87 3.21 10.78
CA SER E 86 1.02 -0.48 11.71
CA ASP E 87 -0.96 -1.30 8.55
CA THR E 88 2.40 -1.16 6.67
CA GLN E 89 0.61 -0.68 3.34
CA TYR E 90 0.30 3.05 4.06
CA VAL E 91 2.82 5.88 3.75
CA CYS E 92 3.48 7.86 6.92
CA LYS E 93 6.05 10.15 8.48
CA ARG E 94 6.30 12.41 11.51
CA THR E 95 6.32 16.22 11.37
CA LEU E 96 6.49 18.77 14.17
CA VAL E 97 4.01 21.66 14.00
CA ASP E 98 3.25 24.52 16.37
CA ARG E 99 1.17 24.02 19.51
CA GLY E 100 -0.82 26.14 21.95
CA TRP E 101 -4.25 27.57 22.60
CA GLY E 102 -4.28 28.88 19.04
CA ASN E 103 -3.35 25.42 17.81
CA GLY E 104 -5.22 23.10 20.15
CA CYS E 105 -4.71 20.66 23.00
CA GLY E 106 -1.25 21.87 23.95
CA LEU E 107 -0.68 24.80 26.25
CA PHE E 108 2.11 26.26 24.00
CA GLY E 109 5.05 24.83 22.11
CA LYS E 110 5.15 22.48 19.15
CA GLY E 111 3.10 19.29 18.83
CA SER E 112 3.82 16.22 16.75
CA LEU E 113 1.63 15.60 13.70
CA VAL E 114 1.51 12.57 11.40
CA THR E 115 -0.43 11.75 8.23
CA CYS E 116 -0.95 8.29 6.77
CA ALA E 117 -1.88 7.40 3.22
CA LYS E 118 -2.46 4.22 1.23
CA PHE E 119 0.05 3.19 -1.42
CA ALA E 120 -1.35 1.23 -4.36
CA CYS E 121 0.38 1.15 -7.72
CA SER E 122 -0.60 0.84 -11.38
CA LYS E 123 2.46 0.96 -13.65
CA LYS E 124 5.48 -1.20 -12.96
CA MET E 125 8.88 -2.57 -13.98
CA THR E 126 9.47 -6.29 -14.11
CA GLY E 127 13.18 -5.91 -14.86
CA LYS E 128 13.30 -9.61 -15.62
CA SER E 129 16.79 -11.03 -15.53
CA ILE E 130 18.71 -12.56 -18.43
CA GLN E 131 20.96 -15.53 -17.86
CA PRO E 132 24.08 -16.49 -19.83
CA GLU E 133 22.47 -19.90 -20.31
CA ASN E 134 19.18 -20.50 -22.16
CA LEU E 135 20.05 -17.88 -24.79
CA GLU E 136 19.55 -18.96 -28.39
CA TYR E 137 21.11 -17.41 -31.48
CA ARG E 138 19.29 -18.16 -34.71
CA ILE E 139 21.89 -18.07 -37.48
CA MET E 140 20.90 -18.10 -41.15
CA LEU E 141 23.05 -19.56 -43.92
CA SER E 142 22.98 -18.61 -47.60
CA VAL E 143 25.00 -19.97 -50.52
CA HIS E 144 25.90 -17.90 -53.55
CA GLY E 145 24.87 -19.73 -56.69
CA SER E 146 21.66 -21.33 -57.92
CA GLN E 147 19.09 -18.87 -56.56
CA HIS E 148 17.34 -15.76 -57.83
CA SER E 149 16.36 -12.61 -55.94
CA GLY E 150 18.37 -13.28 -52.81
CA MET E 151 15.92 -12.88 -49.94
CA ILE E 152 13.95 -14.84 -47.34
CA VAL E 153 10.41 -14.58 -48.70
CA ASN E 154 9.37 -18.24 -49.13
CA ASP E 155 11.84 -19.42 -46.52
CA THR E 156 10.34 -22.81 -45.64
CA GLY E 157 11.15 -24.10 -49.13
CA HIS E 158 14.03 -21.65 -49.44
CA GLU E 159 15.62 -23.12 -46.33
CA THR E 160 14.66 -26.55 -47.65
CA ASP E 161 16.74 -25.55 -50.66
CA GLU E 162 20.41 -26.49 -50.54
CA ASN E 163 21.45 -22.82 -50.61
CA ARG E 164 19.82 -21.92 -47.29
CA ALA E 165 19.83 -23.31 -43.76
CA LYS E 166 19.03 -22.25 -40.19
CA VAL E 167 21.60 -22.56 -37.39
CA GLU E 168 20.47 -22.67 -33.75
CA ILE E 169 23.22 -22.48 -31.12
CA THR E 170 23.28 -22.50 -27.32
CA PRO E 171 26.09 -22.31 -24.74
CA ASN E 172 24.95 -25.67 -23.36
CA SER E 173 25.68 -27.36 -26.72
CA PRO E 174 27.77 -24.90 -28.76
CA ARG E 175 29.86 -25.76 -31.82
CA ALA E 176 27.01 -26.80 -34.10
CA GLU E 177 27.11 -27.91 -37.75
CA ALA E 178 24.73 -27.34 -40.66
CA THR E 179 24.49 -29.48 -43.78
CA LEU E 180 23.88 -28.20 -47.30
CA GLY E 181 22.48 -30.21 -50.19
CA GLY E 182 25.47 -31.10 -52.34
CA PHE E 183 27.35 -28.08 -51.00
CA GLY E 184 28.55 -30.26 -48.09
CA SER E 185 28.03 -29.83 -44.36
CA LEU E 186 29.24 -26.48 -43.05
CA GLY E 187 30.43 -26.63 -39.44
CA LEU E 188 31.13 -24.02 -36.80
CA ASP E 189 32.40 -23.62 -33.23
CA CYS E 190 30.37 -20.82 -31.67
CA GLU E 191 30.97 -19.57 -28.13
CA PRO E 192 27.72 -17.84 -27.08
CA ARG E 193 28.96 -18.26 -23.50
CA THR E 194 31.20 -15.20 -23.93
CA GLY E 195 29.11 -13.58 -26.67
CA LEU E 196 26.59 -11.05 -25.34
CA ASP E 197 27.82 -10.66 -21.69
CA PHE E 198 24.53 -11.65 -20.09
CA SER E 199 23.89 -11.95 -16.33
CA ASP E 200 24.29 -8.13 -16.28
CA LEU E 201 21.42 -6.99 -18.51
CA TYR E 202 17.82 -7.18 -17.29
CA TYR E 203 14.77 -7.50 -19.52
CA LEU E 204 12.81 -4.28 -19.01
CA THR E 205 9.15 -3.70 -19.93
CA MET E 206 6.92 -0.66 -19.44
CA ASN E 207 3.69 -1.63 -21.24
CA ASN E 208 4.52 -3.59 -24.40
CA LYS E 209 7.95 -2.17 -25.16
CA HIS E 210 11.00 -4.08 -24.04
CA TRP E 211 14.55 -3.20 -23.04
CA LEU E 212 17.78 -4.89 -22.02
CA VAL E 213 19.12 -2.67 -19.25
CA HIS E 214 22.19 -3.01 -17.06
CA LYS E 215 21.50 -4.44 -13.62
CA GLU E 216 23.64 -1.83 -11.85
CA TRP E 217 21.64 0.85 -13.63
CA PHE E 218 18.50 -1.15 -12.81
CA HIS E 219 19.32 -1.71 -9.13
CA ASP E 220 20.14 2.01 -8.76
CA ILE E 221 16.72 3.13 -10.03
CA PRO E 222 15.07 5.20 -7.24
CA LEU E 223 11.60 3.68 -7.51
CA PRO E 224 9.64 1.62 -4.97
CA TRP E 225 10.69 -1.89 -5.94
CA HIS E 226 8.39 -4.43 -4.36
CA ALA E 227 10.43 -7.62 -4.25
CA GLY E 228 10.15 -8.88 -7.79
CA ALA E 229 8.66 -11.83 -5.92
CA ASP E 230 4.88 -12.17 -5.92
CA THR E 231 1.52 -10.54 -6.58
CA GLY E 232 -1.36 -10.04 -4.12
CA THR E 233 -0.95 -6.86 -2.09
CA PRO E 234 2.35 -5.54 -3.49
CA HIS E 235 4.26 -4.04 -0.58
CA TRP E 236 6.37 -1.73 -2.72
CA ASN E 237 9.49 -1.02 -0.71
CA ASN E 238 9.78 2.31 1.14
CA LYS E 239 6.75 3.68 -0.75
CA GLU E 240 8.35 7.14 -0.85
CA ALA E 241 9.77 7.72 -4.35
CA LEU E 242 6.21 8.28 -5.58
CA VAL E 243 4.78 10.38 -2.71
CA GLU E 244 5.46 13.69 -1.00
CA PHE E 245 3.74 14.76 2.22
CA LYS E 246 3.51 18.50 1.68
CA ASP E 247 3.06 20.42 4.92
CA ALA E 248 1.22 23.65 5.54
CA HIS E 249 3.40 26.55 6.68
CA ALA E 250 1.93 26.46 10.20
CA LYS E 251 -0.26 23.42 10.98
CA ARG E 252 -1.21 20.64 8.55
CA GLN E 253 0.38 17.60 6.90
CA THR E 254 -1.07 17.01 3.43
CA VAL E 255 -0.31 14.10 1.13
CA VAL E 256 0.61 14.81 -2.50
CA VAL E 257 0.61 12.29 -5.35
CA LEU E 258 3.84 12.54 -7.33
CA GLY E 259 2.32 11.22 -10.59
CA SER E 260 3.15 8.53 -13.10
CA GLN E 261 6.82 8.10 -14.07
CA GLU E 262 5.99 6.01 -17.18
CA GLY E 263 7.69 8.32 -19.66
CA ALA E 264 9.88 9.91 -17.01
CA VAL E 265 12.08 6.82 -16.97
CA HIS E 266 11.76 6.77 -20.77
CA THR E 267 13.61 10.08 -20.60
CA ALA E 268 16.24 8.32 -18.49
CA LEU E 269 16.04 5.28 -20.78
CA ALA E 270 18.36 7.08 -23.21
CA GLY E 271 21.06 4.51 -23.95
CA ALA E 272 18.90 1.38 -23.90
CA LEU E 273 18.05 -1.11 -26.61
CA GLU E 274 14.66 -2.44 -27.67
CA ALA E 275 13.53 -6.06 -27.40
CA GLU E 276 10.47 -8.16 -28.15
CA MET E 277 8.11 -10.90 -27.04
CA ASP E 278 6.97 -13.68 -29.30
CA GLY E 279 4.88 -14.79 -26.32
CA ALA E 280 7.61 -16.57 -24.36
CA LYS E 281 10.97 -15.85 -26.05
CA GLY E 282 12.71 -12.56 -25.39
CA ARG E 283 13.54 -11.42 -28.90
CA LEU E 284 16.73 -9.39 -29.14
CA SER E 285 18.31 -7.72 -32.14
CA SER E 286 21.53 -6.21 -33.58
CA GLY E 287 23.55 -9.16 -32.31
CA HIS E 288 27.16 -10.01 -31.94
CA LEU E 289 29.00 -13.27 -31.38
CA LYS E 290 32.38 -14.99 -31.41
CA CYS E 291 32.18 -18.14 -33.50
CA ARG E 292 34.42 -20.42 -35.54
CA LEU E 293 33.64 -21.95 -38.91
CA LYS E 294 34.39 -25.49 -40.11
CA MET E 295 34.84 -25.88 -43.88
CA ASP E 296 36.28 -29.41 -43.89
CA LYS E 297 33.17 -31.11 -45.32
CA LEU E 298 31.93 -28.81 -48.08
CA ARG E 299 31.59 -29.44 -51.81
CA LEU E 300 31.39 -27.29 -54.94
CA LYS E 301 28.88 -29.63 -56.64
CA GLY E 302 29.73 -28.13 -60.04
CA VAL E 303 33.12 -29.41 -61.22
CA SER E 304 32.47 -31.96 -63.99
CA TYR E 305 29.75 -29.96 -65.74
CA SER E 306 29.24 -28.04 -68.99
CA LEU E 307 28.59 -24.44 -70.03
CA CYS E 308 25.17 -25.74 -71.08
CA THR E 309 23.94 -23.41 -73.90
CA ALA E 310 23.99 -20.05 -75.62
CA ALA E 311 21.03 -17.71 -74.94
CA PHE E 312 22.30 -15.90 -71.86
CA THR E 313 19.40 -13.46 -72.24
CA PHE E 314 18.99 -11.20 -69.20
CA THR E 315 17.29 -7.82 -68.83
CA LYS E 316 18.11 -6.73 -65.26
CA ILE E 317 20.61 -3.87 -65.43
CA PRO E 318 23.53 -5.37 -63.49
CA ALA E 319 22.96 -2.82 -60.70
CA GLU E 320 26.21 -1.91 -58.99
CA THR E 321 25.67 -2.15 -55.24
CA LEU E 322 27.62 -0.68 -52.42
CA HIS E 323 31.25 -1.22 -53.35
CA GLY E 324 30.63 -4.96 -53.20
CA THR E 325 30.22 -6.84 -56.48
CA VAL E 326 28.14 -6.61 -59.66
CA THR E 327 24.89 -8.42 -58.85
CA VAL E 328 23.71 -9.65 -62.25
CA GLU E 329 20.36 -11.39 -62.57
CA VAL E 330 20.72 -13.95 -65.34
CA GLN E 331 18.24 -15.95 -67.42
CA TYR E 332 19.20 -18.91 -69.62
CA ALA E 333 16.74 -20.04 -72.28
CA GLY E 334 17.03 -23.42 -73.97
CA THR E 335 19.45 -25.01 -71.51
CA ASP E 336 19.97 -28.66 -70.59
CA GLY E 337 20.09 -28.77 -66.79
CA PRO E 338 22.51 -28.97 -63.88
CA CYS E 339 25.77 -27.73 -65.37
CA LYS E 340 28.23 -24.87 -65.01
CA VAL E 341 27.53 -21.22 -65.76
CA PRO E 342 30.14 -19.69 -68.13
CA ALA E 343 30.99 -16.22 -66.89
CA GLN E 344 34.06 -13.98 -66.77
CA MET E 345 34.94 -10.34 -66.18
CA ALA E 346 37.21 -9.45 -69.08
CA VAL E 347 38.82 -6.04 -69.45
CA ASP E 348 38.82 -5.89 -73.27
CA MET E 349 38.74 -8.06 -76.41
CA GLN E 350 41.74 -8.67 -76.45
CA THR E 351 40.80 -12.38 -76.43
CA LEU E 352 39.92 -13.74 -73.05
CA THR E 353 41.85 -12.16 -70.18
CA PRO E 354 39.59 -11.88 -67.12
CA VAL E 355 40.77 -10.50 -63.77
CA GLY E 356 37.36 -10.24 -62.14
CA ARG E 357 37.62 -12.66 -59.20
CA LEU E 358 33.92 -13.39 -59.10
CA ILE E 359 32.62 -14.29 -55.65
CA THR E 360 29.73 -16.53 -56.76
CA ALA E 361 32.20 -19.40 -56.97
CA ASN E 362 31.27 -22.19 -59.40
CA PRO E 363 27.91 -20.91 -60.72
CA VAL E 364 25.60 -23.61 -62.07
CA ILE E 365 22.14 -23.38 -63.67
CA THR E 366 19.58 -25.72 -62.17
CA GLU E 367 17.32 -27.31 -64.80
CA SER E 368 14.20 -26.87 -66.97
CA THR E 369 15.88 -25.85 -70.26
CA GLU E 370 14.11 -22.53 -69.73
CA ASN E 371 14.32 -19.23 -67.83
CA SER E 372 16.42 -20.33 -64.87
CA LYS E 373 16.79 -17.13 -62.82
CA MET E 374 19.84 -17.06 -60.55
CA MET E 375 22.12 -14.51 -58.89
CA LEU E 376 25.64 -13.77 -60.08
CA GLU E 377 27.95 -11.71 -57.87
CA LEU E 378 31.36 -10.77 -59.25
CA ASP E 379 34.18 -8.33 -58.48
CA PRO E 380 34.88 -5.76 -61.22
CA PRO E 381 38.18 -3.92 -61.63
CA PHE E 382 38.16 -0.27 -60.63
CA GLY E 383 38.59 0.87 -64.25
CA ASP E 384 36.93 0.03 -67.55
CA SER E 385 36.06 -3.59 -68.30
CA TYR E 386 33.35 -5.86 -69.69
CA ILE E 387 31.19 -8.79 -68.57
CA VAL E 388 31.63 -11.82 -70.81
CA ILE E 389 29.96 -15.22 -70.81
CA GLY E 390 32.22 -16.72 -73.49
CA VAL E 391 29.50 -18.95 -74.98
CA GLY E 392 27.25 -18.49 -77.96
CA GLU E 393 27.16 -16.44 -81.13
CA LYS E 394 26.41 -12.79 -80.39
CA LYS E 395 27.13 -13.52 -76.73
CA ILE E 396 25.89 -10.86 -74.33
CA THR E 397 28.83 -8.64 -73.37
CA HIS E 398 28.10 -5.43 -71.47
CA HIS E 399 30.35 -2.46 -70.76
CA TRP E 400 31.29 -1.57 -67.20
CA HIS E 401 33.24 1.03 -65.28
CA ARG E 402 33.85 1.43 -61.55
CA SER E 403 34.01 4.55 -59.39
CA GLY E 404 36.84 5.30 -56.99
CA SER E 405 40.56 4.54 -56.97
CA THR E 406 42.38 1.75 -55.17
CA ILE E 407 43.49 4.10 -52.39
CA GLY E 408 39.92 5.18 -51.63
CA LYS E 409 38.80 1.62 -50.92
CA ALA E 410 41.79 1.06 -48.64
CA PHE E 411 40.80 4.13 -46.62
CA GLU E 412 37.28 2.70 -46.55
CA ALA E 413 38.86 -0.58 -45.48
CA THR E 414 40.66 1.37 -42.75
CA VAL E 415 37.36 2.62 -41.33
CA ARG E 416 35.87 -0.86 -41.77
CA GLY E 417 38.18 -2.10 -39.02
CA ALA E 418 38.12 1.22 -37.19
CA LYS E 419 34.43 0.82 -36.32
CA ARG E 420 35.04 -2.82 -35.38
CA MET E 421 37.72 -1.51 -33.02
CA ALA E 422 34.98 0.69 -31.49
CA VAL E 423 31.90 -1.53 -31.73
CA LEU E 424 32.62 -5.16 -30.75
CA GLY E 425 36.10 -4.24 -29.61
CA ASP E 426 38.48 -6.89 -28.27
CA THR E 427 36.99 -9.21 -30.88
CA ALA E 428 37.65 -7.24 -34.07
CA TRP E 429 41.00 -9.05 -34.17
CA ASP E 430 39.04 -12.32 -34.41
CA PHE E 431 37.77 -11.20 -37.82
CA GLY E 432 41.29 -11.72 -39.12
CA SER E 433 42.44 -15.21 -40.00
CA VAL E 434 44.48 -17.78 -38.05
CA GLY E 435 47.55 -15.53 -38.22
CA GLY E 436 49.48 -15.78 -34.97
CA ALA E 437 51.62 -13.19 -33.20
CA LEU E 438 49.86 -10.43 -35.19
CA ASN E 439 46.20 -11.27 -34.62
CA SER E 440 46.89 -13.34 -31.48
CA LEU E 441 49.19 -10.59 -30.20
CA GLY E 442 46.70 -8.18 -31.73
CA LYS E 443 44.39 -9.68 -29.15
CA GLY E 444 46.83 -9.58 -26.23
CA ILE E 445 47.74 -5.97 -26.91
CA HIS E 446 44.08 -5.04 -27.10
CA GLN E 447 42.09 -6.35 -24.11
CA ILE E 448 44.67 -5.27 -21.52
CA PHE E 449 44.30 -1.85 -23.11
CA GLY E 450 40.55 -2.38 -23.49
CA ALA E 451 39.88 -3.70 -19.99
CA ALA E 452 41.97 -0.87 -18.54
CA PHE E 453 40.11 1.50 -20.85
CA LYS E 454 36.88 -0.10 -19.65
CA SER E 455 37.86 -0.24 -15.96
CA LEU E 456 39.25 3.21 -15.14
CA PHE E 457 36.89 4.96 -17.60
CA GLY E 458 33.37 4.38 -16.30
CA GLY E 459 30.26 6.48 -16.42
CA MET E 460 30.89 7.42 -20.06
CA SER E 461 28.49 9.40 -22.25
CA TRP E 462 29.03 10.60 -25.82
CA PHE E 463 29.26 14.24 -24.78
CA SER E 464 31.33 13.07 -21.80
CA GLN E 465 33.87 11.48 -24.14
CA ILE E 466 34.09 14.75 -26.09
CA LEU E 467 34.63 16.77 -22.91
CA ILE E 468 37.41 14.51 -21.63
CA GLY E 469 38.56 14.08 -25.22
CA THR E 470 38.89 17.77 -26.05
CA LEU E 471 40.57 18.87 -22.82
CA LEU E 472 43.10 16.04 -22.92
CA MET E 473 44.58 17.32 -26.20
CA TRP E 474 45.60 20.61 -24.60
CA LEU E 475 47.44 18.83 -21.76
CA GLY E 476 49.53 16.77 -24.19
CA LEU E 477 50.36 19.93 -26.09
CA ASN E 478 52.77 20.98 -23.32
CA THR E 479 54.67 18.65 -20.97
CA LYS E 480 58.21 17.43 -20.34
CA ASN E 481 60.16 14.43 -21.66
CA GLY E 482 58.02 14.52 -24.82
CA SER E 483 56.89 11.00 -23.92
CA ILE E 484 53.95 11.45 -21.54
CA SER E 485 52.65 13.94 -24.10
CA LEU E 486 52.31 11.09 -26.60
CA MET E 487 50.18 8.93 -24.31
CA CYS E 488 48.24 12.04 -23.33
CA LEU E 489 47.71 12.81 -27.02
CA ALA E 490 47.18 9.14 -27.93
CA LEU E 491 44.46 8.42 -25.38
CA GLY E 492 42.21 11.41 -26.10
CA GLY E 493 42.45 11.21 -29.86
CA VAL E 494 41.34 7.60 -29.73
CA LEU E 495 38.93 8.72 -27.01
CA ILE E 496 37.41 11.18 -29.48
CA PHE E 497 37.77 8.70 -32.35
CA LEU E 498 35.67 6.20 -30.42
CA SER E 499 33.15 8.96 -29.67
CA THR E 500 32.84 10.26 -33.23
CA ALA E 501 32.50 6.81 -34.81
CA VAL E 502 29.45 5.84 -32.73
CA SER E 503 27.56 9.06 -33.49
CA ALA E 504 28.98 9.94 -36.93
CA ILE F 1 -5.68 36.43 19.84
CA ARG F 2 -4.99 34.85 16.45
CA CYS F 3 -1.26 35.21 16.96
CA ILE F 4 -0.30 32.97 19.91
CA GLY F 5 1.65 29.91 18.86
CA VAL F 6 2.15 31.47 15.42
CA SER F 7 5.97 31.26 15.24
CA ASN F 8 7.76 33.46 12.71
CA ARG F 9 5.78 36.30 14.28
CA ASP F 10 7.76 39.55 14.35
CA PHE F 11 6.53 42.79 15.93
CA VAL F 12 7.67 46.30 15.04
CA GLU F 13 8.73 49.44 16.95
CA GLY F 14 5.50 51.38 17.36
CA MET F 15 4.17 54.91 16.93
CA SER F 16 7.15 56.50 15.17
CA GLY F 17 6.26 60.05 14.09
CA GLY F 18 3.59 60.53 11.45
CA THR F 19 0.81 58.19 12.68
CA TRP F 20 1.86 55.85 9.88
CA VAL F 21 4.51 53.14 9.68
CA ASP F 22 5.47 50.69 6.94
CA VAL F 23 5.70 46.93 7.35
CA VAL F 24 5.71 43.78 5.23
CA LEU F 25 2.72 41.50 5.82
CA GLU F 26 2.74 37.96 4.49
CA HIS F 27 1.28 34.48 4.83
CA GLY F 28 3.93 33.44 7.36
CA GLY F 29 3.54 34.89 10.84
CA CYS F 30 2.01 38.19 11.85
CA VAL F 31 3.01 41.62 13.16
CA THR F 32 1.77 42.55 16.62
CA VAL F 33 1.91 46.31 17.10
CA MET F 34 2.13 48.34 20.30
CA ALA F 35 2.07 52.05 19.52
CA GLN F 36 1.23 54.82 22.02
CA ASP F 37 -1.48 53.30 24.24
CA LYS F 38 -3.74 51.90 21.53
CA PRO F 39 -5.37 48.46 21.24
CA THR F 40 -2.75 46.20 19.69
CA VAL F 41 -3.57 44.36 16.45
CA ASP F 42 -1.88 41.48 14.62
CA ILE F 43 -2.17 40.47 10.98
CA GLU F 44 -2.10 37.33 8.91
CA LEU F 45 -3.20 38.59 5.55
CA VAL F 46 -5.06 35.61 4.01
CA THR F 47 -4.16 33.07 1.35
CA THR F 48 -4.70 35.43 -1.57
CA THR F 49 -7.33 34.85 -4.27
CA VAL F 50 -6.76 35.96 -7.87
CA SER F 51 -9.50 35.66 -10.48
CA ASN F 52 -10.06 36.51 -14.16
CA MET F 53 -6.89 34.96 -15.56
CA ALA F 54 -5.95 34.36 -19.19
CA GLU F 55 -4.68 31.30 -21.08
CA VAL F 56 -1.01 31.84 -21.89
CA ARG F 57 0.91 28.97 -23.51
CA SER F 58 -0.04 25.37 -22.63
CA TYR F 59 1.61 21.97 -23.08
CA CYS F 60 0.82 18.25 -23.38
CA TYR F 61 2.62 15.62 -21.29
CA GLU F 62 0.94 12.76 -23.21
CA ALA F 63 1.22 11.35 -26.71
CA SER F 64 -0.82 9.26 -29.14
CA ILE F 65 0.46 8.21 -32.57
CA SER F 66 -1.33 6.39 -35.37
CA ASP F 67 -2.12 6.04 -39.10
CA MET F 68 1.28 4.38 -39.61
CA ALA F 69 1.73 5.57 -43.21
CA SER F 70 4.97 5.19 -45.17
CA ASP F 71 6.83 6.93 -47.96
CA SER F 72 8.58 3.67 -48.91
CA ARG F 73 10.49 4.92 -51.96
CA CYS F 74 12.81 2.86 -54.09
CA PRO F 75 16.19 4.62 -54.40
CA THR F 76 16.67 7.30 -57.05
CA GLN F 77 12.98 7.11 -57.99
CA GLY F 78 11.59 10.28 -56.38
CA GLU F 79 10.16 11.27 -53.03
CA ALA F 80 6.78 9.96 -51.93
CA TYR F 81 3.75 12.19 -51.44
CA LEU F 82 1.87 10.91 -48.37
CA ASP F 83 -0.87 13.59 -48.31
CA LYS F 84 -1.03 13.00 -44.55
CA GLN F 85 2.26 14.92 -44.38
CA SER F 86 0.39 17.88 -45.88
CA ASP F 87 -1.98 17.70 -42.91
CA THR F 88 -0.91 19.61 -39.83
CA GLN F 89 -2.00 16.61 -37.75
CA TYR F 90 0.84 14.36 -38.93
CA VAL F 91 4.56 14.25 -38.17
CA CYS F 92 7.31 13.08 -40.52
CA LYS F 93 11.02 12.56 -39.87
CA ARG F 94 12.40 11.34 -43.19
CA THR F 95 14.78 8.37 -42.93
CA LEU F 96 16.98 6.58 -45.46
CA VAL F 97 16.82 2.89 -46.37
CA ASP F 98 19.32 1.05 -48.54
CA ARG F 99 17.39 -1.19 -50.93
CA GLY F 100 18.40 -4.27 -52.87
CA TRP F 101 16.83 -7.01 -54.96
CA GLY F 102 15.29 -8.31 -51.74
CA ASN F 103 13.58 -4.94 -51.19
CA GLY F 104 11.80 -4.98 -54.56
CA CYS F 105 14.41 -2.71 -56.14
CA GLY F 106 16.51 -3.45 -59.19
CA LEU F 107 18.66 -0.47 -58.21
CA PHE F 108 20.52 -0.02 -54.96
CA GLY F 109 20.66 2.99 -52.69
CA LYS F 110 19.07 5.24 -50.07
CA GLY F 111 15.30 4.92 -49.85
CA SER F 112 14.43 8.37 -48.44
CA LEU F 113 11.27 7.20 -46.69
CA VAL F 114 9.21 8.19 -43.66
CA THR F 115 6.17 6.70 -41.95
CA CYS F 116 4.10 9.86 -41.54
CA ALA F 117 1.88 9.51 -38.50
CA LYS F 118 -0.74 11.61 -36.73
CA PHE F 119 -0.22 12.89 -33.21
CA ALA F 120 -3.09 13.14 -30.72
CA CYS F 121 -2.97 14.77 -27.28
CA SER F 122 -4.96 13.83 -24.20
CA LYS F 123 -4.80 15.12 -20.63
CA LYS F 124 -2.72 18.16 -21.53
CA MET F 125 -1.32 20.81 -19.19
CA THR F 126 -2.53 24.42 -19.20
CA GLY F 127 -0.16 26.97 -17.73
CA LYS F 128 -2.62 29.86 -17.76
CA SER F 129 -1.35 33.37 -17.05
CA ILE F 130 -2.57 36.04 -14.63
CA GLN F 131 -2.42 39.81 -14.22
CA PRO F 132 -2.26 42.27 -11.29
CA GLU F 133 -5.91 43.06 -11.98
CA ASN F 134 -8.71 41.00 -10.41
CA LEU F 135 -6.77 40.18 -7.25
CA GLU F 136 -7.87 39.87 -3.65
CA TYR F 137 -6.11 39.74 -0.27
CA ARG F 138 -8.75 39.83 2.53
CA ILE F 139 -6.47 41.02 5.32
CA MET F 140 -7.35 39.90 8.84
CA LEU F 141 -7.29 42.30 11.79
CA SER F 142 -7.39 40.60 15.19
CA VAL F 143 -7.08 43.37 17.81
CA HIS F 144 -6.16 41.64 21.04
CA GLY F 145 -7.98 43.60 23.75
CA SER F 146 -9.67 40.89 25.80
CA GLN F 147 -11.02 37.78 24.08
CA HIS F 148 -11.60 34.08 24.69
CA SER F 149 -9.45 31.25 23.43
CA GLY F 150 -12.69 30.03 21.89
CA MET F 151 -12.90 33.38 20.12
CA ILE F 152 -9.38 33.05 18.66
CA VAL F 153 -10.26 29.58 17.35
CA ASN F 154 -13.40 30.95 15.77
CA ASP F 155 -12.87 31.96 12.20
CA THR F 156 -16.29 33.58 12.81
CA GLY F 157 -15.26 36.30 15.24
CA HIS F 158 -14.97 38.87 12.46
CA GLU F 159 -18.63 38.95 11.38
CA THR F 160 -18.97 41.46 14.20
CA ASP F 161 -15.99 43.79 14.51
CA GLU F 162 -15.65 43.65 18.27
CA ASN F 163 -11.90 43.22 17.96
CA ARG F 164 -11.68 40.91 14.91
CA ALA F 165 -12.41 42.23 11.42
CA LYS F 166 -11.57 41.15 7.89
CA VAL F 167 -10.69 43.78 5.30
CA GLU F 168 -10.60 42.89 1.61
CA ILE F 169 -7.84 44.46 -0.49
CA THR F 170 -7.91 45.01 -4.26
CA PRO F 171 -5.34 46.71 -6.54
CA ASN F 172 -7.88 49.28 -7.75
CA SER F 173 -8.73 50.11 -4.10
CA PRO F 174 -5.31 50.09 -2.36
CA ARG F 175 -6.64 51.34 0.98
CA ALA F 176 -8.85 50.25 3.89
CA GLU F 177 -11.84 51.88 5.59
CA ALA F 178 -13.16 49.79 8.48
CA THR F 179 -13.75 50.52 12.17
CA LEU F 180 -14.08 48.15 15.12
CA GLY F 181 -16.58 47.96 17.97
CA GLY F 182 -16.14 50.68 20.56
CA PHE F 183 -13.32 52.63 18.89
CA GLY F 184 -12.12 54.05 15.60
CA SER F 185 -10.91 52.69 12.27
CA LEU F 186 -7.29 52.31 11.16
CA GLY F 187 -7.36 53.53 7.55
CA LEU F 188 -4.34 51.67 6.22
CA ASP F 189 -3.24 52.08 2.60
CA CYS F 190 -1.79 49.42 0.32
CA GLU F 191 0.36 48.96 -2.77
CA PRO F 192 -0.99 45.67 -4.18
CA ARG F 193 0.85 46.37 -7.43
CA THR F 194 4.06 45.86 -5.43
CA GLY F 195 3.15 42.26 -4.74
CA LEU F 196 5.05 39.01 -5.30
CA ASP F 197 6.44 39.65 -8.81
CA PHE F 198 3.09 39.83 -10.58
CA SER F 199 2.72 39.09 -14.32
CA ASP F 200 5.89 37.01 -13.98
CA LEU F 201 4.08 34.14 -12.25
CA TYR F 202 1.63 31.67 -13.83
CA TYR F 203 -0.78 29.10 -12.46
CA LEU F 204 -0.14 25.57 -13.72
CA THR F 205 -3.07 23.15 -13.86
CA MET F 206 -2.42 19.42 -14.26
CA ASN F 207 -5.23 17.51 -12.50
CA ASN F 208 -7.31 19.34 -9.85
CA LYS F 209 -4.03 20.81 -8.56
CA HIS F 210 -2.50 24.16 -9.42
CA TRP F 211 0.73 25.94 -8.60
CA LEU F 212 2.94 28.91 -9.41
CA VAL F 213 5.37 29.05 -12.33
CA HIS F 214 8.08 31.50 -13.38
CA LYS F 215 7.54 32.63 -16.97
CA GLU F 216 11.12 32.40 -18.27
CA TRP F 217 11.28 28.81 -17.05
CA PHE F 218 7.74 28.41 -18.38
CA HIS F 219 8.54 29.43 -21.98
CA ASP F 220 11.41 26.93 -22.34
CA ILE F 221 9.35 23.71 -22.25
CA PRO F 222 9.83 21.70 -25.48
CA LEU F 223 6.35 20.16 -25.30
CA PRO F 224 3.89 21.13 -28.06
CA TRP F 225 2.72 24.61 -27.21
CA HIS F 226 -1.08 24.61 -27.77
CA ALA F 227 -0.90 28.42 -27.87
CA GLY F 228 -4.35 29.99 -27.76
CA ALA F 229 -7.36 27.67 -27.74
CA ASP F 230 -8.48 24.06 -27.37
CA THR F 231 -11.46 24.07 -29.74
CA GLY F 232 -12.03 20.69 -31.38
CA THR F 233 -8.78 19.11 -31.84
CA PRO F 234 -6.38 22.05 -31.44
CA HIS F 235 -3.17 22.54 -33.35
CA TRP F 236 -0.19 21.10 -31.49
CA ASN F 237 3.05 22.58 -32.74
CA ASN F 238 6.08 20.75 -34.17
CA LYS F 239 5.39 17.84 -31.91
CA GLU F 240 8.98 16.80 -31.16
CA ALA F 241 9.37 15.83 -27.47
CA LEU F 242 6.28 13.66 -27.97
CA VAL F 243 6.15 10.61 -30.27
CA GLU F 244 9.56 9.78 -31.76
CA PHE F 245 9.94 7.20 -34.53
CA LYS F 246 13.23 5.66 -35.66
CA ASP F 247 14.47 2.72 -37.70
CA ALA F 248 16.96 -0.15 -37.54
CA HIS F 249 17.76 -3.08 -39.84
CA ALA F 250 15.81 -1.59 -42.79
CA LYS F 251 12.16 -2.04 -41.76
CA ARG F 252 10.05 0.97 -42.65
CA GLN F 253 9.98 2.61 -39.19
CA THR F 254 9.69 1.84 -35.50
CA VAL F 255 7.38 4.41 -33.90
CA VAL F 256 7.75 5.14 -30.18
CA VAL F 257 4.90 7.07 -28.57
CA LEU F 258 7.17 7.75 -25.52
CA GLY F 259 3.94 7.53 -23.56
CA SER F 260 4.19 9.97 -20.70
CA GLN F 261 5.75 13.08 -19.19
CA GLU F 262 3.90 13.32 -15.84
CA GLY F 263 7.09 12.39 -14.00
CA ALA F 264 9.10 14.95 -15.94
CA VAL F 265 6.57 17.75 -15.36
CA HIS F 266 7.01 17.21 -11.61
CA THR F 267 10.74 16.52 -11.32
CA ALA F 268 11.40 19.67 -13.36
CA LEU F 269 9.54 21.69 -10.68
CA ALA F 270 11.24 21.45 -7.30
CA GLY F 271 11.13 25.18 -6.51
CA ALA F 272 7.53 25.40 -7.68
CA LEU F 273 5.13 27.27 -5.40
CA GLU F 274 1.81 25.56 -4.73
CA ALA F 275 -1.51 27.28 -5.49
CA GLU F 276 -5.18 26.27 -5.53
CA MET F 277 -8.00 27.02 -7.99
CA ASP F 278 -11.52 25.81 -7.22
CA GLY F 279 -14.19 27.39 -9.34
CA ALA F 280 -10.96 28.80 -10.23
CA LYS F 281 -11.06 32.21 -8.50
CA GLY F 282 -7.41 31.35 -8.16
CA ARG F 283 -6.41 31.18 -4.52
CA LEU F 284 -2.71 31.81 -3.93
CA SER F 285 -0.81 31.07 -0.73
CA SER F 286 2.79 31.96 0.18
CA GLY F 287 2.40 35.62 -0.68
CA HIS F 288 3.65 38.78 0.97
CA LEU F 289 2.19 42.26 0.71
CA LYS F 290 3.35 45.84 1.31
CA CYS F 291 0.30 47.44 2.94
CA ARG F 292 1.28 50.46 5.07
CA LEU F 293 -0.38 50.91 8.45
CA LYS F 294 -1.75 54.28 9.55
CA MET F 295 -2.21 55.22 13.21
CA ASP F 296 -4.23 57.97 15.01
CA LYS F 297 -7.55 56.29 14.21
CA LEU F 298 -7.26 53.63 16.91
CA ARG F 299 -8.31 54.39 20.47
CA LEU F 300 -8.43 52.60 23.81
CA LYS F 301 -11.94 51.29 24.49
CA GLY F 302 -13.30 51.53 28.02
CA VAL F 303 -11.02 54.23 29.35
CA SER F 304 -11.92 54.80 33.00
CA TYR F 305 -13.10 51.34 34.12
CA SER F 306 -10.94 51.70 37.18
CA LEU F 307 -10.33 48.46 39.09
CA CYS F 308 -13.37 46.17 39.69
CA THR F 309 -11.94 44.46 42.76
CA ALA F 310 -12.68 40.76 42.42
CA ALA F 311 -11.24 37.24 42.69
CA PHE F 312 -8.81 36.64 39.84
CA THR F 313 -8.57 32.92 39.20
CA PHE F 314 -7.22 31.48 35.96
CA THR F 315 -8.89 29.30 33.37
CA LYS F 316 -5.79 27.16 32.85
CA ILE F 317 -2.17 27.54 33.88
CA PRO F 318 -0.78 30.50 31.88
CA ALA F 319 1.91 29.32 29.49
CA GLU F 320 4.87 30.61 27.49
CA THR F 321 5.00 30.95 23.74
CA LEU F 322 8.32 30.76 21.94
CA HIS F 323 8.16 34.53 21.29
CA GLY F 324 8.99 35.48 24.89
CA THR F 325 5.30 35.91 25.73
CA VAL F 326 3.18 34.66 28.64
CA THR F 327 -0.52 34.23 27.90
CA VAL F 328 -2.53 34.64 31.10
CA GLU F 329 -6.19 33.63 31.12
CA VAL F 330 -8.35 34.97 33.94
CA GLN F 331 -11.87 34.48 35.31
CA TYR F 332 -12.24 37.78 37.24
CA ALA F 333 -15.04 35.98 39.14
CA GLY F 334 -17.50 38.33 37.42
CA THR F 335 -17.97 41.19 39.86
CA ASP F 336 -19.24 44.21 37.89
CA GLY F 337 -19.59 44.90 34.20
CA PRO F 338 -17.01 45.41 31.47
CA CYS F 339 -14.08 47.22 33.06
CA LYS F 340 -10.31 47.43 33.15
CA VAL F 341 -8.11 45.33 35.45
CA PRO F 342 -4.38 46.16 35.52
CA ALA F 343 -1.64 43.55 35.63
CA GLN F 344 1.89 43.72 36.99
CA MET F 345 5.00 41.54 37.13
CA ALA F 346 6.47 41.12 40.62
CA VAL F 347 10.19 40.46 40.74
CA ASP F 348 9.88 41.82 44.28
CA MET F 349 7.38 40.59 46.87
CA GLN F 350 3.84 39.44 46.03
CA THR F 351 2.67 43.07 45.72
CA LEU F 352 3.83 46.64 45.04
CA THR F 353 6.29 46.27 42.13
CA PRO F 354 5.45 46.30 38.39
CA VAL F 355 8.14 45.24 35.94
CA GLY F 356 8.37 43.87 32.42
CA ARG F 357 6.11 45.12 29.66
CA LEU F 358 2.40 44.58 29.10
CA ILE F 359 2.13 43.45 25.48
CA THR F 360 -1.63 43.08 25.86
CA ALA F 361 -3.44 46.41 25.47
CA ASN F 362 -6.15 47.60 27.88
CA PRO F 363 -6.85 44.45 29.92
CA VAL F 364 -10.61 44.84 30.26
CA ILE F 365 -13.54 42.80 31.55
CA THR F 366 -16.02 41.95 28.83
CA GLU F 367 -19.28 41.62 30.76
CA SER F 368 -20.69 41.39 34.27
CA THR F 369 -21.50 37.67 34.43
CA GLU F 370 -19.61 35.08 36.41
CA ASN F 371 -16.44 35.30 34.33
CA SER F 372 -15.03 37.30 31.49
CA LYS F 373 -12.18 35.31 30.00
CA MET F 374 -9.29 37.51 28.85
CA MET F 375 -5.78 36.45 27.90
CA LEU F 376 -2.89 38.82 28.66
CA GLU F 377 0.13 38.28 26.41
CA LEU F 378 3.10 39.51 28.45
CA ASP F 379 6.88 39.71 28.20
CA PRO F 380 8.71 38.79 31.43
CA PRO F 381 12.10 40.47 31.91
CA PHE F 382 15.24 38.38 31.49
CA GLY F 383 15.12 37.40 35.17
CA ASP F 384 12.39 35.78 37.26
CA SER F 385 8.87 37.19 37.44
CA TYR F 386 5.58 36.85 39.28
CA ILE F 387 2.17 38.11 38.18
CA VAL F 388 0.25 40.88 39.96
CA ILE F 389 -3.38 41.41 38.98
CA GLY F 390 -5.49 44.54 39.53
CA VAL F 391 -6.48 43.63 43.08
CA GLY F 392 -3.64 44.46 45.45
CA GLU F 393 -4.52 41.89 48.12
CA LYS F 394 -6.58 38.99 46.72
CA LYS F 395 -5.03 37.46 43.59
CA ILE F 396 -2.67 34.71 42.47
CA THR F 397 1.00 34.64 41.50
CA HIS F 398 3.18 32.21 39.57
CA HIS F 399 6.87 31.85 38.85
CA TRP F 400 7.92 32.34 35.25
CA HIS F 401 11.73 32.79 35.10
CA ARG F 402 11.97 33.95 31.49
CA SER F 403 15.57 32.58 31.50
CA GLY F 404 16.41 34.45 28.27
CA SER F 405 19.08 37.11 28.44
CA THR F 406 18.83 40.41 26.59
CA ILE F 407 22.03 39.49 24.74
CA GLY F 408 20.26 36.40 23.43
CA LYS F 409 17.30 38.62 22.58
CA ALA F 410 19.68 40.99 20.80
CA PHE F 411 21.21 38.05 18.93
CA GLU F 412 17.66 36.90 18.17
CA ALA F 413 16.95 40.41 16.89
CA THR F 414 19.81 40.05 14.41
CA VAL F 415 18.79 36.56 13.26
CA ARG F 416 15.16 37.58 12.67
CA GLY F 417 16.48 40.56 10.73
CA ALA F 418 18.83 38.22 8.88
CA LYS F 419 16.10 35.89 7.62
CA ARG F 420 13.80 38.80 6.75
CA MET F 421 16.58 40.30 4.64
CA ALA F 422 17.18 37.00 2.85
CA VAL F 423 13.53 36.35 1.94
CA LEU F 424 12.62 39.92 0.99
CA GLY F 425 15.85 41.88 0.53
CA ASP F 426 15.49 45.66 0.73
CA THR F 427 11.74 44.99 0.87
CA ALA F 428 12.05 43.71 4.45
CA TRP F 429 13.88 46.83 5.68
CA ASP F 430 10.45 48.46 5.56
CA PHE F 431 9.83 46.50 8.79
CA GLY F 432 11.45 49.42 10.58
CA SER F 433 9.55 52.68 10.63
CA VAL F 434 10.06 55.65 8.32
CA GLY F 435 13.54 57.16 8.51
CA GLY F 436 13.51 59.49 5.52
CA ALA F 437 17.17 59.64 4.64
CA LEU F 438 17.64 56.73 7.06
CA ASN F 439 15.44 54.08 5.44
CA SER F 440 16.69 55.32 2.07
CA LEU F 441 20.13 54.01 3.05
CA GLY F 442 18.57 50.76 4.31
CA LYS F 443 16.59 50.11 1.13
CA GLY F 444 18.26 52.09 -1.65
CA ILE F 445 21.62 50.42 -1.08
CA HIS F 446 20.20 46.91 -1.42
CA GLN F 447 17.97 47.82 -4.37
CA ILE F 448 21.10 48.82 -6.30
CA PHE F 449 22.95 45.70 -5.06
CA GLY F 450 20.41 42.88 -5.00
CA ALA F 451 19.06 43.71 -8.45
CA ALA F 452 22.51 43.35 -10.00
CA PHE F 453 23.13 40.43 -7.63
CA LYS F 454 19.98 38.70 -8.89
CA SER F 455 21.11 39.37 -12.45
CA LEU F 456 24.40 37.58 -11.77
CA PHE F 457 23.28 34.78 -9.40
CA GLY F 458 19.61 34.37 -10.35
CA GLY F 459 19.88 30.81 -11.67
CA MET F 460 22.31 29.79 -8.94
CA SER F 461 20.70 28.15 -5.95
CA TRP F 462 21.09 26.24 -2.67
CA PHE F 463 23.19 23.33 -3.95
CA SER F 464 24.96 25.80 -6.25
CA GLN F 465 25.80 28.49 -3.67
CA ILE F 466 27.84 26.26 -1.34
CA LEU F 467 30.06 25.18 -4.24
CA ILE F 468 30.72 28.83 -5.13
CA GLY F 469 30.52 30.71 -1.83
CA THR F 470 32.97 28.35 -0.15
CA LEU F 471 35.15 28.64 -3.25
CA LEU F 472 34.76 32.42 -3.00
CA MET F 473 35.65 32.13 0.69
CA TRP F 474 39.02 30.54 -0.07
CA LEU F 475 39.64 33.33 -2.61
CA GLY F 476 39.77 35.77 0.30
CA LEU F 477 42.04 33.45 2.26
CA ASN F 478 44.88 33.44 -0.32
CA THR F 479 44.77 36.83 -2.01
CA LYS F 480 46.78 40.00 -2.56
CA ASN F 481 46.32 43.32 -0.79
CA GLY F 482 43.57 45.67 -1.85
CA SER F 483 40.11 45.04 -3.30
CA ILE F 484 40.39 41.25 -3.39
CA SER F 485 41.58 41.08 0.22
CA LEU F 486 38.01 42.04 1.13
CA MET F 487 35.82 40.11 -1.28
CA CYS F 488 34.64 36.97 0.53
CA LEU F 489 33.50 38.67 3.75
CA ALA F 490 30.72 40.53 1.91
CA LEU F 491 30.31 38.33 -1.17
CA GLY F 492 31.83 34.92 -0.48
CA GLY F 493 30.03 34.67 2.84
CA VAL F 494 26.62 35.88 1.71
CA LEU F 495 26.14 33.04 -0.80
CA ILE F 496 26.27 30.44 1.95
CA PHE F 497 24.54 32.95 4.23
CA LEU F 498 21.63 33.32 1.81
CA SER F 499 21.72 29.53 1.47
CA THR F 500 21.42 28.92 5.22
CA ALA F 501 18.37 31.20 5.29
CA VAL F 502 15.59 29.19 3.59
CA SER F 503 12.29 27.77 4.90
CA ALA F 504 13.29 25.06 7.41
CA ALA G 1 11.19 11.22 -7.21
CA VAL G 2 14.06 12.22 -9.49
CA THR G 3 15.47 9.33 -11.52
CA LEU G 4 19.19 9.42 -10.83
CA PRO G 5 20.76 6.82 -13.20
CA SER G 6 20.61 8.01 -16.79
CA HIS G 7 21.06 4.87 -18.86
CA SER G 8 23.31 6.85 -21.21
CA THR G 9 25.87 6.53 -18.41
CA ARG G 10 25.93 2.83 -19.37
CA LYS G 11 24.93 3.48 -22.98
CA LEU G 12 25.61 0.55 -25.31
CA GLN G 13 27.90 0.74 -28.34
CA THR G 14 25.98 -1.84 -30.41
CA ARG G 15 25.71 -1.53 -34.19
CA SER G 16 21.97 -0.81 -34.05
CA GLN G 17 20.60 2.53 -32.97
CA THR G 18 19.80 3.00 -29.29
CA TRP G 19 16.75 4.20 -27.36
CA LEU G 20 17.13 8.02 -27.22
CA GLU G 21 20.44 8.67 -28.96
CA SER G 22 18.90 11.01 -31.54
CA ARG G 23 18.62 13.75 -28.92
CA GLU G 24 21.49 12.51 -26.72
CA TYR G 25 24.30 13.96 -28.85
CA THR G 26 22.59 17.36 -28.58
CA LYS G 27 20.73 17.36 -25.24
CA HIS G 28 23.61 18.42 -22.99
CA LEU G 29 24.42 21.02 -25.65
CA ILE G 30 21.01 22.71 -25.66
CA ARG G 31 20.54 22.73 -21.87
CA VAL G 32 23.63 24.82 -21.14
CA GLU G 33 23.07 27.33 -23.95
CA ASN G 34 19.54 27.75 -22.66
CA TRP G 35 20.83 28.10 -19.10
CA ILE G 36 23.34 30.79 -20.09
CA PHE G 37 20.72 32.65 -22.15
CA ARG G 38 18.50 33.02 -19.10
CA ASN G 39 21.57 33.92 -17.01
CA PRO G 40 23.61 36.38 -19.12
CA GLY G 41 25.22 38.16 -16.17
CA PHE G 42 26.45 34.93 -14.59
CA ALA G 43 29.22 34.34 -17.14
CA LEU G 44 30.29 37.98 -16.90
CA ALA G 45 31.30 37.54 -13.26
CA ALA G 46 32.65 34.10 -14.15
CA ALA G 47 35.23 35.82 -16.36
CA ALA G 48 36.71 37.67 -13.38
CA ILE G 49 36.37 34.54 -11.22
CA ALA G 50 38.59 32.41 -13.46
CA TRP G 51 40.76 35.45 -14.18
CA LEU G 52 42.34 35.14 -10.74
CA LEU G 53 42.79 31.34 -10.95
CA GLY G 54 45.58 29.69 -12.91
CA SER G 55 47.54 32.78 -13.99
CA SER G 56 48.28 31.04 -17.29
CA THR G 57 45.96 32.69 -19.90
CA SER G 58 44.86 29.16 -20.90
CA GLN G 59 44.27 27.73 -17.45
CA LYS G 60 42.02 30.78 -17.19
CA VAL G 61 39.92 29.15 -19.91
CA ILE G 62 40.31 25.79 -18.17
CA TYR G 63 38.71 27.31 -15.07
CA LEU G 64 36.45 29.44 -17.29
CA VAL G 65 34.91 26.59 -19.28
CA MET G 66 34.67 24.20 -16.33
CA ILE G 67 32.59 26.34 -13.96
CA LEU G 68 30.32 27.26 -16.86
CA LEU G 69 29.51 23.55 -17.01
CA ILE G 70 29.17 23.18 -13.23
CA ALA G 71 26.46 25.85 -13.02
CA PRO G 72 23.76 24.69 -15.53
CA ALA G 73 23.50 20.95 -14.94
CA ALA G 74 25.13 19.81 -11.68
CA ALA G 75 24.22 23.15 -10.11
CA ALA H 1 11.72 13.59 -24.24
CA VAL H 2 13.80 14.77 -21.29
CA THR H 3 12.56 18.02 -19.74
CA LEU H 4 15.52 20.42 -19.67
CA PRO H 5 14.34 23.54 -17.73
CA SER H 6 14.89 22.90 -14.03
CA HIS H 7 12.69 25.14 -11.91
CA SER H 8 15.30 25.06 -9.12
CA THR H 9 17.29 27.41 -11.36
CA ARG H 10 14.47 29.93 -10.87
CA LYS H 11 13.43 28.62 -7.46
CA LEU H 12 11.86 31.05 -5.02
CA GLN H 13 12.84 32.09 -1.49
CA THR H 14 9.32 32.65 -0.13
CA ARG H 15 8.57 31.56 3.44
CA SER H 16 6.84 28.34 2.31
CA GLN H 17 8.55 25.10 1.35
CA THR H 18 9.18 24.73 -2.37
CA TRP H 19 7.78 21.87 -4.44
CA LEU H 20 10.60 19.43 -3.61
CA GLU H 21 12.77 21.27 -1.09
CA SER H 22 12.98 18.20 1.15
CA ARG H 23 14.72 16.33 -1.68
CA GLU H 24 16.16 19.46 -3.33
CA TYR H 25 19.26 19.79 -1.18
CA THR H 26 20.29 16.14 -1.70
CA LYS H 27 19.31 15.01 -5.22
CA HIS H 28 22.35 16.57 -6.90
CA LEU H 29 24.55 15.17 -4.13
CA ILE H 30 23.18 11.62 -4.01
CA ARG H 31 23.64 11.17 -7.77
CA VAL H 32 27.36 11.93 -7.37
CA GLU H 33 28.51 9.21 -4.96
CA ASN H 34 26.10 6.78 -6.62
CA TRP H 35 27.97 7.53 -9.83
CA ILE H 36 31.40 6.98 -8.27
CA PHE H 37 30.30 3.79 -6.50
CA ARG H 38 29.59 2.51 -10.00
CA ASN H 39 32.73 4.30 -11.27
CA PRO H 40 35.40 4.20 -8.54
CA GLY H 41 38.25 3.62 -10.96
CA PHE H 42 37.46 6.88 -12.75
CA ALA H 43 37.97 8.72 -9.47
CA LEU H 44 41.33 6.97 -9.28
CA ALA H 45 41.81 7.96 -12.93
CA ALA H 46 40.72 11.52 -12.17
CA ALA H 47 43.32 11.67 -9.40
CA ALA H 48 46.24 11.55 -11.84
CA ILE H 49 44.44 14.03 -14.11
CA ALA H 50 44.58 16.77 -11.48
CA TRP H 51 48.16 16.08 -10.35
CA LEU H 52 49.40 17.49 -13.67
CA LEU H 53 47.17 20.54 -13.22
CA GLY H 54 47.45 23.60 -11.02
CA SER H 55 50.74 22.75 -9.28
CA SER H 56 49.75 24.65 -6.13
CA THR H 57 48.83 21.84 -3.65
CA SER H 58 45.45 23.61 -3.41
CA GLN H 59 44.65 23.99 -7.10
CA LYS H 60 45.13 20.22 -7.36
CA VAL H 61 42.11 19.81 -5.07
CA ILE H 62 40.11 22.31 -7.14
CA TYR H 63 40.40 20.12 -10.24
CA LEU H 64 39.46 16.96 -8.33
CA VAL H 65 36.22 18.57 -7.11
CA MET H 66 35.19 19.91 -10.53
CA ILE H 67 36.15 16.84 -12.57
CA LEU H 68 34.26 14.33 -10.41
CA LEU H 69 31.15 16.54 -10.61
CA ILE H 70 30.38 16.83 -14.33
CA ALA H 71 31.10 13.14 -14.90
CA PRO H 72 28.14 12.13 -12.67
CA ALA H 73 25.84 14.95 -13.73
CA ALA H 74 26.71 16.67 -17.01
CA ALA H 75 28.96 13.91 -18.39
CA ARG I 1 8.39 -45.80 4.73
CA VAL I 2 9.18 -43.70 7.79
CA HIS I 3 9.60 -45.89 10.87
CA LEU I 4 10.45 -44.81 14.41
CA VAL I 5 11.30 -47.19 17.25
CA GLU I 6 11.14 -46.36 20.94
CA SER I 7 13.32 -48.17 23.46
CA GLY I 8 14.45 -47.91 27.07
CA GLY I 9 10.95 -47.91 28.55
CA GLY I 10 9.98 -49.85 31.64
CA VAL I 11 9.76 -49.48 35.38
CA VAL I 12 12.11 -47.11 37.21
CA GLN I 13 12.42 -46.16 40.85
CA PRO I 14 11.46 -42.57 41.75
CA GLY I 15 14.40 -40.20 41.77
CA ARG I 16 16.70 -41.99 39.34
CA SER I 17 17.83 -41.77 35.73
CA LEU I 18 16.40 -43.43 32.66
CA ARG I 19 17.51 -43.01 29.05
CA LEU I 20 15.24 -43.40 26.03
CA SER I 21 16.63 -44.37 22.64
CA CYS I 22 14.85 -43.79 19.33
CA VAL I 23 16.33 -44.94 16.03
CA ALA I 24 14.89 -43.63 12.77
CA SER I 25 14.73 -45.57 9.52
CA GLY I 26 13.49 -45.23 5.95
CA PHE I 27 14.07 -41.48 5.53
CA ALA I 28 16.64 -38.70 5.78
CA PHE I 29 17.39 -38.55 9.52
CA SER I 30 19.59 -35.44 9.19
CA ASN I 31 16.68 -33.41 7.73
CA TYR I 32 14.01 -33.86 10.44
CA HIS I 33 13.34 -31.89 13.59
CA MET I 34 12.60 -34.90 15.72
CA HIS I 35 10.66 -34.50 18.93
CA TRP I 36 9.70 -36.23 22.17
CA VAL I 37 6.07 -36.36 23.33
CA ARG I 38 4.92 -38.23 26.42
CA GLN I 39 1.41 -39.31 27.35
CA ALA I 40 0.42 -40.86 30.65
CA PRO I 41 -2.48 -43.33 30.28
CA GLY I 42 -5.89 -41.71 30.05
CA LYS I 43 -4.67 -38.13 29.62
CA GLY I 44 -3.78 -35.79 26.78
CA LEU I 45 -0.59 -35.40 24.83
CA GLU I 46 2.29 -33.46 26.38
CA TRP I 47 5.09 -32.15 24.19
CA VAL I 48 8.41 -32.85 25.90
CA ALA I 49 11.36 -31.76 23.79
CA ILE I 50 12.64 -30.97 20.32
CA ILE I 51 16.04 -31.50 18.77
CA TRP I 52 16.75 -30.00 15.37
CA ASP I 53 17.77 -32.04 12.33
CA ASP I 54 21.35 -30.91 12.90
CA GLY I 55 20.88 -30.84 16.67
CA SER I 56 22.11 -27.25 16.79
CA ASP I 57 19.61 -26.28 19.50
CA GLN I 58 17.20 -28.22 21.69
CA TYR I 59 14.07 -27.04 23.45
CA TYR I 60 12.27 -28.78 26.32
CA ALA I 61 8.96 -28.49 28.11
CA ASP I 62 8.77 -26.35 31.24
CA SER I 63 8.04 -29.46 33.32
CA VAL I 64 11.39 -30.99 32.33
CA LYS I 65 13.64 -27.94 32.58
CA GLY I 66 16.95 -29.07 34.04
CA ARG I 67 15.75 -32.69 34.09
CA PHE I 68 15.48 -34.25 30.64
CA THR I 69 18.18 -34.07 27.99
CA ILE I 70 17.48 -34.75 24.31
CA SER I 71 20.22 -35.72 21.87
CA ARG I 72 20.56 -37.41 18.49
CA ASP I 73 23.29 -38.67 16.17
CA ASN I 74 22.86 -38.14 12.45
CA SER I 75 25.43 -40.84 11.65
CA LYS I 76 23.35 -43.51 13.44
CA ASN I 77 19.87 -42.01 12.85
CA THR I 78 19.04 -42.36 16.55
CA LEU I 79 17.34 -40.13 19.12
CA PHE I 80 18.36 -40.05 22.77
CA LEU I 81 16.43 -38.59 25.70
CA GLN I 82 18.19 -38.78 29.07
CA MET I 83 15.96 -38.46 32.14
CA ASN I 84 17.20 -37.86 35.67
CA ARG I 85 15.50 -36.97 38.96
CA LEU I 86 12.50 -38.97 37.82
CA ARG I 87 9.20 -38.89 39.70
CA ALA I 88 5.80 -40.53 39.50
CA GLU I 89 4.43 -37.77 37.27
CA ASP I 90 7.07 -38.82 34.71
CA THR I 91 5.23 -42.14 34.39
CA ALA I 92 4.00 -41.68 30.82
CA LEU I 93 4.22 -43.28 27.40
CA TYR I 94 6.90 -41.34 25.51
CA TYR I 95 6.24 -41.01 21.78
CA CYS I 96 9.31 -40.50 19.64
CA VAL I 97 8.07 -38.15 16.92
CA GLY I 98 9.53 -35.95 14.22
CA GLY I 99 8.75 -33.28 11.64
CA SER I 100 10.64 -32.77 8.39
CA SER I 101 12.39 -29.42 8.51
CA ALA I 102 12.06 -28.71 4.78
CA TYR I 103 9.62 -25.89 3.98
CA ASN I 104 10.03 -24.67 0.40
CA GLY I 105 11.21 -27.97 -1.08
CA ASP I 106 14.97 -28.50 -1.47
CA ASN I 107 15.17 -24.72 -0.93
CA GLY I 108 13.67 -23.61 2.36
CA TRP I 109 14.21 -24.35 6.03
CA ARG I 110 11.72 -24.27 8.89
CA GLU I 111 11.96 -25.22 12.54
CA ALA I 112 8.18 -25.45 13.06
CA ALA I 113 8.41 -28.67 11.06
CA SER I 114 5.09 -29.88 12.57
CA LEU I 115 4.73 -33.39 13.99
CA ASP I 116 4.51 -35.40 10.78
CA ASP I 117 5.64 -38.93 11.65
CA TRP I 118 4.85 -40.52 15.01
CA GLY I 119 6.57 -43.51 16.56
CA GLN I 120 4.59 -46.11 18.47
CA GLY I 121 6.00 -44.74 21.72
CA THR I 122 7.45 -46.40 24.80
CA LEU I 123 5.98 -46.37 28.29
CA VAL I 124 8.15 -45.51 31.30
CA THR I 125 6.85 -46.43 34.76
CA VAL I 126 8.20 -44.52 37.74
CA SER I 127 7.44 -46.80 40.68
CA SER I 128 9.27 -48.46 43.55
CA ALA I 129 7.63 -51.82 42.80
CA SER I 130 9.71 -54.51 41.11
CA THR I 131 8.99 -56.40 37.91
CA LYS I 132 6.64 -59.37 38.40
CA GLY I 133 6.28 -62.16 35.85
CA PRO I 134 2.86 -63.13 34.52
CA SER I 135 1.27 -66.56 34.81
CA VAL I 136 -0.17 -68.04 31.62
CA PHE I 137 -3.04 -70.51 32.00
CA PRO I 138 -5.31 -72.09 29.37
CA LEU I 139 -8.95 -71.21 28.77
CA ALA I 140 -10.22 -74.35 27.06
CA PRO I 141 -13.37 -74.15 24.94
CA SER I 142 -16.60 -75.19 26.59
CA SER I 143 -17.43 -78.89 26.84
CA LYS I 144 -20.48 -78.32 24.59
CA SER I 145 -18.61 -76.16 22.06
CA THR I 146 -16.44 -78.84 20.45
CA SER I 147 -19.35 -80.08 18.30
CA GLY I 148 -21.03 -77.14 16.59
CA GLY I 149 -20.33 -74.12 14.41
CA THR I 150 -17.84 -72.09 16.44
CA ALA I 151 -16.05 -72.12 19.78
CA ALA I 152 -14.06 -69.70 21.92
CA LEU I 153 -10.56 -70.38 23.25
CA GLY I 154 -8.15 -68.01 24.91
CA CYS I 155 -5.28 -67.50 27.31
CA LEU I 156 -5.17 -66.01 30.80
CA VAL I 157 -2.25 -63.73 31.67
CA LYS I 158 -2.30 -63.45 35.46
CA ASP I 159 -0.45 -61.43 38.09
CA TYR I 160 2.22 -59.44 36.26
CA PHE I 161 3.79 -56.07 36.93
CA PRO I 162 4.49 -53.68 35.36
CA GLU I 163 2.63 -53.20 32.10
CA PRO I 164 2.58 -54.14 29.27
CA VAL I 165 2.22 -57.75 28.12
CA THR I 166 2.04 -58.78 24.47
CA VAL I 167 0.01 -61.79 23.39
CA SER I 168 0.31 -63.38 19.94
CA TRP I 169 -1.11 -66.57 18.44
CA ASN I 170 0.55 -69.18 16.19
CA SER I 171 3.73 -67.07 16.23
CA GLY I 172 1.70 -64.16 14.88
CA ALA I 173 0.11 -66.16 12.04
CA LEU I 174 -3.43 -65.81 13.41
CA THR I 175 -5.14 -62.44 13.96
CA SER I 176 -8.67 -62.96 12.60
CA GLY I 177 -11.10 -63.25 15.51
CA VAL I 178 -8.57 -62.33 18.21
CA HIS I 179 -9.80 -60.04 20.99
CA THR I 180 -7.10 -59.22 23.56
CA PHE I 181 -9.18 -58.07 26.51
CA PRO I 182 -7.80 -55.16 28.56
CA ALA I 183 -5.84 -55.97 31.68
CA VAL I 184 -7.32 -55.48 35.14
CA LEU I 185 -5.61 -53.50 37.90
CA GLN I 186 -5.92 -56.06 40.69
CA SER I 187 -6.40 -54.90 44.27
CA SER I 188 -2.97 -56.41 44.90
CA GLY I 189 -1.61 -53.96 42.31
CA LEU I 190 -0.65 -56.64 39.79
CA TYR I 191 -2.23 -56.94 36.35
CA SER I 192 -4.25 -59.75 34.81
CA LEU I 193 -5.01 -59.97 31.09
CA SER I 194 -6.82 -62.32 28.75
CA SER I 195 -6.90 -62.81 24.98
CA VAL I 196 -9.48 -65.09 23.36
CA VAL I 197 -9.59 -66.22 19.72
CA THR I 198 -12.88 -67.22 18.13
CA VAL I 199 -12.34 -70.32 15.99
CA PRO I 200 -14.69 -72.63 14.08
CA SER I 201 -15.64 -75.92 15.70
CA SER I 202 -14.59 -77.91 12.62
CA SER I 203 -10.91 -76.99 12.96
CA LEU I 204 -10.35 -77.91 16.59
CA GLY I 205 -8.61 -81.29 16.65
CA THR I 206 -6.77 -80.60 13.39
CA GLN I 207 -5.68 -76.98 13.78
CA THR I 208 -3.51 -76.20 16.81
CA TYR I 209 -3.50 -72.94 18.74
CA ILE I 210 -0.49 -71.59 20.64
CA CYS I 211 -0.61 -68.17 22.26
CA ASN I 212 2.61 -66.21 22.71
CA VAL I 213 2.62 -64.26 25.98
CA ASN I 214 5.52 -61.86 26.36
CA HIS I 215 6.22 -59.54 29.31
CA LYS I 216 9.41 -57.66 28.49
CA PRO I 217 9.68 -55.92 31.93
CA SER I 218 9.79 -59.39 33.49
CA ASN I 219 11.44 -60.88 30.36
CA THR I 220 8.89 -63.69 30.29
CA LYS I 221 8.03 -65.23 26.94
CA VAL I 222 5.81 -68.21 27.78
CA ASP I 223 4.12 -69.72 24.70
CA LYS I 224 1.24 -71.73 26.14
CA LYS I 225 -0.88 -74.01 23.98
CA VAL I 226 -4.63 -74.66 24.06
CA GLU I 227 -6.42 -77.70 22.63
CA PRO I 228 -10.08 -78.78 22.52
CA LYS I 229 -11.17 -80.98 25.40
CA SER I 230 -13.96 -83.56 25.21
CA CYS I 231 -14.57 -83.71 28.96
CA SER J 1 1.71 -23.46 28.70
CA ALA J 2 -1.56 -25.23 27.90
CA LEU J 3 -4.06 -24.89 25.06
CA THR J 4 -7.71 -24.62 26.15
CA GLN J 5 -9.33 -27.44 24.17
CA PRO J 6 -12.91 -28.42 25.12
CA ALA J 7 -13.63 -31.63 26.98
CA SER J 8 -16.13 -33.31 24.63
CA VAL J 9 -17.98 -32.48 21.43
CA SER J 10 -21.12 -34.46 20.54
CA GLY J 11 -22.99 -34.55 17.25
CA SER J 12 -25.25 -36.75 15.16
CA PRO J 13 -23.99 -38.19 11.85
CA GLY J 14 -23.86 -35.76 8.95
CA GLN J 15 -23.73 -32.45 10.81
CA SER J 16 -20.65 -30.31 11.44
CA ILE J 17 -18.87 -29.71 14.74
CA THR J 18 -16.22 -27.29 15.95
CA ILE J 19 -13.46 -27.92 18.50
CA PHE J 20 -11.95 -24.99 20.39
CA CYS J 21 -8.25 -24.27 20.54
CA SER J 22 -7.64 -21.00 22.38
CA GLY J 23 -4.23 -19.70 23.39
CA SER J 24 -2.33 -16.42 23.57
CA SER J 25 -0.77 -14.09 21.02
CA ASN J 26 2.38 -16.10 21.77
CA ASP J 27 1.17 -19.56 20.73
CA VAL J 28 -1.99 -19.39 18.61
CA GLY J 29 -2.48 -15.78 17.57
CA GLY J 30 1.23 -15.22 17.01
CA TYR J 31 1.98 -18.01 14.56
CA ASN J 32 0.01 -19.90 11.94
CA TYR J 33 1.50 -23.19 13.14
CA VAL J 34 -1.51 -24.52 15.06
CA SER J 35 -2.00 -28.21 14.33
CA TRP J 36 -4.68 -30.85 14.88
CA TYR J 37 -4.34 -34.55 15.68
CA GLN J 38 -6.75 -37.46 16.06
CA GLN J 39 -6.16 -40.27 18.57
CA TYR J 40 -8.43 -43.28 18.63
CA PRO J 41 -8.39 -45.15 21.97
CA GLY J 42 -5.12 -47.01 22.27
CA LYS J 43 -3.32 -45.97 19.07
CA VAL J 44 -0.58 -43.59 17.94
CA PRO J 45 -2.05 -40.12 17.28
CA LYS J 46 -2.33 -39.11 13.63
CA LEU J 47 -1.82 -35.59 12.29
CA LEU J 48 -5.09 -34.20 10.88
CA ILE J 49 -4.41 -30.51 10.20
CA TYR J 50 -1.17 -28.54 10.30
CA ASP J 51 -0.51 -24.84 9.72
CA VAL J 52 -4.00 -23.73 10.77
CA ASN J 53 -5.86 -25.27 7.84
CA SER J 54 -3.50 -27.44 5.75
CA ARG J 55 -4.00 -31.19 5.75
CA PRO J 56 -1.49 -33.91 4.79
CA SER J 57 -1.97 -36.50 2.10
CA GLY J 58 -4.45 -39.23 2.98
CA VAL J 59 -6.54 -36.97 5.23
CA SER J 60 -10.24 -36.53 4.53
CA ASN J 61 -11.40 -33.06 3.43
CA ARG J 62 -14.15 -33.25 6.06
CA PHE J 63 -11.59 -32.00 8.59
CA SER J 64 -11.04 -28.26 8.28
CA GLY J 65 -8.95 -26.09 10.56
CA SER J 66 -9.78 -22.47 11.38
CA LYS J 67 -8.05 -19.88 13.53
CA SER J 68 -9.50 -16.61 14.80
CA GLY J 69 -7.35 -14.33 16.92
CA ASN J 70 -5.95 -16.34 19.83
CA THR J 71 -8.53 -19.10 19.29
CA ALA J 72 -8.25 -21.88 16.71
CA SER J 73 -11.17 -24.00 15.52
CA LEU J 74 -11.25 -27.44 13.94
CA THR J 75 -14.40 -28.18 11.93
CA ILE J 76 -15.43 -31.79 11.26
CA SER J 77 -18.09 -31.90 8.54
CA GLY J 78 -20.30 -34.87 7.75
CA LEU J 79 -19.97 -36.70 11.05
CA GLN J 80 -19.42 -40.46 10.88
CA ALA J 81 -18.99 -43.11 13.57
CA GLU J 82 -15.35 -43.35 12.49
CA ASP J 83 -14.91 -39.77 13.77
CA GLU J 84 -15.26 -40.97 17.38
CA ALA J 85 -11.78 -40.30 18.76
CA ASP J 86 -9.61 -38.02 20.90
CA TYR J 87 -8.72 -34.79 19.13
CA TYR J 88 -5.78 -32.61 20.14
CA CYS J 89 -4.50 -29.25 18.93
CA SER J 90 -0.85 -28.20 19.03
CA SER J 91 0.71 -24.89 18.08
CA TYR J 92 4.10 -23.26 17.89
CA THR J 93 5.08 -21.37 21.02
CA SER J 94 6.87 -18.03 21.32
CA ARG J 95 9.34 -19.82 23.62
CA ARG J 96 10.57 -21.95 20.68
CA THR J 97 8.57 -24.86 22.10
CA TRP J 98 5.41 -26.81 21.30
CA VAL J 99 2.20 -26.78 23.32
CA PHE J 100 -0.70 -29.22 23.12
CA GLY J 101 -4.40 -28.81 23.74
CA GLY J 102 -6.46 -30.21 26.57
CA GLY J 103 -7.91 -32.77 24.19
CA THR J 104 -11.47 -33.29 22.99
CA ILE J 105 -13.25 -36.62 22.69
CA VAL J 106 -15.77 -36.64 19.85
CA THR J 107 -18.78 -38.95 19.99
CA VAL J 108 -21.32 -39.52 17.23
CA LEU J 109 -24.91 -39.36 18.45
CA GLY J 110 -27.64 -41.78 17.45
CA GLN J 111 -25.44 -44.84 17.30
CA PRO J 112 -27.63 -47.97 17.21
CA LYS J 113 -27.63 -50.22 20.26
CA ALA J 114 -26.14 -53.72 20.07
CA ASN J 115 -26.13 -56.68 22.55
CA PRO J 116 -22.89 -57.56 24.37
CA THR J 117 -21.06 -60.79 23.57
CA VAL J 118 -20.09 -62.57 26.79
CA THR J 119 -17.82 -65.61 27.10
CA LEU J 120 -17.30 -67.48 30.38
CA PHE J 121 -14.16 -69.53 31.00
CA PRO J 122 -13.85 -71.78 34.07
CA PRO J 123 -10.54 -72.09 35.91
CA SER J 124 -8.21 -74.41 34.04
CA SER J 125 -6.81 -77.61 35.48
CA GLU J 126 -3.36 -76.02 35.34
CA GLU J 127 -4.73 -73.07 37.32
CA LEU J 128 -6.47 -75.44 39.74
CA GLN J 129 -3.15 -77.27 40.00
CA ALA J 130 -1.66 -73.86 40.86
CA ASN J 131 -3.75 -73.85 44.11
CA LYS J 132 -6.00 -71.06 42.78
CA ALA J 133 -9.11 -70.70 40.63
CA THR J 134 -10.21 -67.89 38.30
CA LEU J 135 -13.46 -67.67 36.39
CA VAL J 136 -12.91 -65.46 33.34
CA CYS J 137 -16.07 -63.61 32.31
CA LEU J 138 -15.40 -61.47 29.24
CA ILE J 139 -17.81 -58.88 27.81
CA SER J 140 -17.26 -57.66 24.27
CA ASP J 141 -19.02 -55.77 21.48
CA PHE J 142 -21.59 -53.70 23.37
CA TYR J 143 -22.81 -50.12 23.05
CA PRO J 144 -23.12 -47.93 25.05
CA GLY J 145 -20.25 -48.78 27.40
CA ALA J 146 -22.52 -49.55 30.39
CA VAL J 147 -22.42 -53.14 31.64
CA THR J 148 -23.29 -54.25 35.17
CA VAL J 149 -21.52 -57.46 36.17
CA ALA J 150 -22.74 -59.78 38.91
CA TRP J 151 -21.40 -63.15 40.04
CA LYS J 152 -23.59 -65.99 41.32
CA ALA J 153 -22.30 -69.09 43.12
CA ASP J 154 -25.29 -71.18 41.96
CA GLY J 155 -27.34 -68.66 43.89
CA SER J 156 -26.57 -65.85 46.35
CA PRO J 157 -24.34 -62.85 45.59
CA VAL J 158 -20.60 -63.35 45.26
CA LYS J 159 -18.31 -60.83 46.96
CA ALA J 160 -14.81 -62.30 47.35
CA GLY J 161 -12.46 -62.00 44.40
CA VAL J 162 -14.90 -59.96 42.30
CA GLU J 163 -12.84 -57.86 39.89
CA THR J 164 -14.32 -56.30 36.76
CA THR J 165 -12.59 -54.13 34.20
CA LYS J 166 -14.18 -50.87 33.12
CA PRO J 167 -15.95 -50.77 29.75
CA SER J 168 -13.36 -50.17 27.04
CA LYS J 169 -13.97 -48.72 23.58
CA GLN J 170 -12.54 -50.81 20.74
CA SER J 171 -11.89 -50.38 17.03
CA ASN J 172 -15.48 -50.76 15.79
CA ASN J 173 -16.93 -48.09 18.14
CA LYS J 174 -18.11 -50.92 20.40
CA TYR J 175 -17.05 -51.61 24.00
CA ALA J 176 -15.38 -54.44 25.87
CA ALA J 177 -15.14 -55.41 29.53
CA SER J 178 -13.60 -58.22 31.57
CA SER J 179 -14.59 -59.78 34.89
CA TYR J 180 -12.34 -62.12 36.87
CA LEU J 181 -13.55 -64.12 39.86
CA SER J 182 -10.60 -65.09 42.08
CA LEU J 183 -11.44 -68.11 44.26
CA THR J 184 -9.64 -70.99 45.88
CA PRO J 185 -10.06 -74.48 44.38
CA GLU J 186 -12.07 -75.46 47.46
CA GLN J 187 -14.70 -72.77 46.81
CA TRP J 188 -14.78 -73.80 43.15
CA LYS J 189 -15.47 -77.39 44.24
CA SER J 190 -17.77 -76.39 47.13
CA HIS J 191 -20.32 -74.66 44.89
CA ARG J 192 -22.03 -76.85 42.30
CA SER J 193 -21.88 -74.13 39.62
CA TYR J 194 -21.03 -70.46 39.13
CA SER J 195 -22.94 -67.90 37.08
CA CYS J 196 -21.60 -64.64 35.65
CA GLN J 197 -24.68 -62.53 34.90
CA VAL J 198 -24.01 -59.20 33.18
CA THR J 199 -26.54 -56.40 32.77
CA HIS J 200 -26.39 -54.11 29.74
CA GLU J 201 -29.26 -51.71 28.97
CA GLY J 202 -31.75 -53.65 31.05
CA SER J 203 -31.02 -57.00 29.42
CA THR J 204 -28.92 -59.30 31.62
CA VAL J 205 -26.82 -61.97 29.91
CA GLU J 206 -25.95 -64.94 32.12
CA LYS J 207 -23.30 -67.62 31.59
CA THR J 208 -23.02 -70.66 33.86
CA VAL J 209 -20.14 -73.09 34.19
CA ALA J 210 -19.80 -75.99 36.63
CA PRO J 211 -17.00 -78.36 37.65
CA THR J 212 -19.04 -81.13 35.92
CA ILE K 1 13.15 20.90 68.32
CA ARG K 2 12.96 18.64 65.27
CA CYS K 3 16.53 19.74 64.45
CA ILE K 4 18.83 18.31 67.16
CA GLY K 5 21.17 15.63 65.90
CA VAL K 6 20.33 16.79 62.36
CA SER K 7 23.85 17.54 61.05
CA ASN K 8 24.22 19.51 57.83
CA ARG K 9 21.95 22.05 59.52
CA ASP K 10 22.86 25.67 58.70
CA PHE K 11 21.40 28.85 60.20
CA VAL K 12 21.16 32.27 58.57
CA GLU K 13 21.62 35.94 59.54
CA GLY K 14 18.08 36.94 60.47
CA MET K 15 16.18 40.22 60.52
CA SER K 16 17.99 41.93 57.60
CA GLY K 17 15.96 44.65 55.89
CA GLY K 18 12.70 43.98 54.08
CA THR K 19 10.88 41.92 56.73
CA TRP K 20 11.63 39.09 54.30
CA VAL K 21 14.65 36.90 53.59
CA ASP K 22 15.64 34.62 50.72
CA VAL K 23 16.84 31.08 51.43
CA VAL K 24 17.08 27.67 49.77
CA LEU K 25 15.46 24.83 51.70
CA GLU K 26 16.12 21.20 50.86
CA HIS K 27 15.60 17.59 51.87
CA GLY K 28 18.90 17.48 53.73
CA GLY K 29 19.12 19.43 56.96
CA CYS K 30 17.09 22.42 58.12
CA VAL K 31 17.56 26.14 58.67
CA THR K 32 17.10 27.67 62.12
CA VAL K 33 16.30 31.39 61.92
CA MET K 34 16.77 34.02 64.62
CA ALA K 35 15.37 37.41 63.64
CA GLN K 36 14.56 40.21 66.12
CA ASP K 37 13.30 38.42 69.24
CA LYS K 38 10.78 36.12 67.61
CA PRO K 39 10.22 32.38 68.18
CA THR K 40 12.79 30.66 66.00
CA VAL K 41 11.64 28.12 63.40
CA ASP K 42 13.47 25.46 61.39
CA ILE K 43 12.39 23.99 58.07
CA GLU K 44 13.24 20.68 56.41
CA LEU K 45 10.96 20.56 53.44
CA VAL K 46 9.58 17.00 52.87
CA THR K 47 10.34 14.19 50.45
CA THR K 48 8.38 15.85 47.65
CA THR K 49 5.56 14.11 45.78
CA VAL K 50 4.73 14.71 42.10
CA SER K 51 1.59 13.37 40.44
CA ASN K 52 0.15 13.23 36.90
CA MET K 53 3.14 11.81 35.01
CA ALA K 54 3.26 11.36 31.24
CA GLU K 55 4.57 8.27 29.45
CA VAL K 56 7.61 9.12 27.35
CA ARG K 57 9.57 6.24 25.75
CA SER K 58 9.71 2.91 27.55
CA TYR K 59 12.24 0.11 27.11
CA CYS K 60 12.38 -3.68 27.38
CA TYR K 61 15.48 -5.13 29.06
CA GLU K 62 14.39 -8.66 28.09
CA ALA K 63 13.58 -10.32 24.78
CA SER K 64 11.90 -13.35 23.23
CA ILE K 65 12.61 -14.68 19.73
CA SER K 66 10.69 -17.38 17.87
CA ASP K 67 8.94 -18.54 14.66
CA MET K 68 12.36 -19.69 13.45
CA ALA K 69 11.61 -19.25 9.73
CA SER K 70 14.26 -18.92 7.01
CA ASP K 71 14.71 -17.36 3.60
CA SER K 72 17.00 -20.21 2.47
CA ARG K 73 17.56 -19.17 -1.16
CA CYS K 74 19.81 -20.84 -3.69
CA PRO K 75 22.37 -18.32 -4.98
CA THR K 76 21.50 -16.17 -8.00
CA GLN K 77 17.93 -17.53 -7.82
CA GLY K 78 16.13 -14.58 -6.20
CA GLU K 79 15.43 -13.48 -2.65
CA ALA K 80 12.88 -15.28 -0.50
CA TYR K 81 9.70 -13.56 0.64
CA LEU K 82 9.03 -14.69 4.23
CA ASP K 83 5.78 -12.73 4.72
CA LYS K 84 6.70 -12.64 8.41
CA GLN K 85 9.26 -10.00 7.43
CA SER K 86 6.34 -7.91 6.16
CA ASP K 87 5.00 -8.17 9.72
CA THR K 88 6.16 -5.62 12.28
CA GLN K 89 6.74 -8.41 14.81
CA TYR K 90 9.70 -9.85 12.87
CA VAL K 91 13.28 -8.72 12.31
CA CYS K 92 15.54 -9.91 9.51
CA LYS K 93 19.28 -9.46 8.93
CA ARG K 94 19.93 -10.87 5.46
CA THR K 95 23.10 -12.99 5.36
CA LEU K 96 24.90 -14.75 2.49
CA VAL K 97 25.56 -18.49 2.27
CA ASP K 98 27.71 -20.22 -0.34
CA ARG K 99 25.87 -23.22 -1.79
CA GLY K 100 27.19 -26.24 -3.67
CA TRP K 101 26.23 -29.70 -4.87
CA GLY K 102 25.85 -30.91 -1.29
CA ASN K 103 23.58 -27.91 -0.63
CA GLY K 104 20.95 -28.68 -3.29
CA CYS K 105 22.40 -26.12 -5.69
CA GLY K 106 23.98 -26.94 -9.02
CA LEU K 107 25.38 -23.41 -9.08
CA PHE K 108 27.80 -21.93 -6.56
CA GLY K 109 27.51 -18.54 -4.92
CA LYS K 110 26.10 -16.76 -1.87
CA GLY K 111 22.53 -17.81 -1.11
CA SER K 112 21.32 -14.51 0.38
CA LEU K 113 19.17 -15.92 3.18
CA VAL K 114 17.88 -14.87 6.59
CA THR K 115 15.94 -16.69 9.31
CA CYS K 116 13.20 -14.14 10.00
CA ALA K 117 11.99 -14.50 13.58
CA LYS K 118 9.43 -12.83 15.83
CA PHE K 119 10.49 -10.64 18.74
CA ALA K 120 8.48 -10.69 21.98
CA CYS K 121 8.97 -8.64 25.14
CA SER K 122 8.15 -9.05 28.82
CA LYS K 123 8.79 -7.09 32.02
CA LYS K 124 9.73 -3.80 30.37
CA MET K 125 10.90 -0.59 32.04
CA THR K 126 8.90 2.64 31.97
CA GLY K 127 10.80 5.92 32.20
CA LYS K 128 7.72 8.09 32.58
CA SER K 129 7.98 11.83 31.93
CA ILE K 130 6.90 14.59 34.32
CA GLN K 131 5.95 18.28 34.21
CA PRO K 132 6.12 21.25 36.63
CA GLU K 133 2.41 20.89 37.42
CA ASN K 134 0.88 18.48 39.94
CA LEU K 135 3.71 18.84 42.42
CA GLU K 136 3.72 18.78 46.21
CA TYR K 137 6.20 19.88 48.87
CA ARG K 138 4.50 20.01 52.33
CA ILE K 139 7.05 22.23 54.05
CA MET K 140 7.28 21.56 57.77
CA LEU K 141 7.46 24.36 60.35
CA SER K 142 8.90 23.33 63.71
CA VAL K 143 9.10 26.53 65.79
CA HIS K 144 11.41 25.69 68.67
CA GLY K 145 9.92 27.62 71.59
CA SER K 146 9.71 25.21 74.53
CA GLN K 147 8.73 21.58 73.98
CA HIS K 148 9.23 18.07 75.32
CA SER K 149 11.92 15.88 73.78
CA GLY K 150 9.13 13.43 72.94
CA MET K 151 7.47 16.10 70.80
CA ILE K 152 10.39 16.24 68.36
CA VAL K 153 9.95 12.49 67.75
CA ASN K 154 6.24 12.70 67.06
CA ASP K 155 5.28 12.81 63.44
CA THR K 156 1.97 13.82 65.06
CA GLY K 157 3.04 17.00 66.80
CA HIS K 158 2.04 19.10 63.82
CA GLU K 159 -1.61 18.02 63.96
CA THR K 160 -2.06 21.02 66.25
CA ASP K 161 -0.10 24.13 65.34
CA GLU K 162 1.16 24.97 68.81
CA ASN K 163 4.65 25.32 67.35
CA ARG K 164 4.71 22.59 64.67
CA ALA K 165 2.71 23.28 61.51
CA LYS K 166 2.99 21.60 58.12
CA VAL K 167 2.37 23.78 55.08
CA GLU K 168 1.64 22.50 51.58
CA ILE K 169 3.40 24.17 48.63
CA THR K 170 2.27 23.84 45.01
CA PRO K 171 3.57 25.38 41.76
CA ASN K 172 0.26 27.16 41.19
CA SER K 173 0.39 28.59 44.73
CA PRO K 174 3.96 29.88 45.23
CA ARG K 175 3.00 31.22 48.66
CA ALA K 176 2.04 30.00 52.15
CA GLU K 177 -0.36 30.97 54.93
CA ALA K 178 -0.48 29.11 58.25
CA THR K 179 -0.74 30.47 61.78
CA LEU K 180 0.66 28.79 64.87
CA GLY K 181 -0.96 28.65 68.29
CA GLY K 182 -0.48 31.80 70.36
CA PHE K 183 0.94 34.07 67.65
CA GLY K 184 0.64 35.05 63.99
CA SER K 185 1.29 33.36 60.66
CA LEU K 186 4.44 33.58 58.53
CA GLY K 187 3.13 34.14 54.99
CA LEU K 188 6.13 33.19 52.87
CA ASP K 189 6.19 33.16 49.07
CA CYS K 190 7.68 30.44 46.89
CA GLU K 191 9.12 29.72 43.44
CA PRO K 192 8.36 26.02 42.88
CA ARG K 193 8.95 26.43 39.13
CA THR K 194 12.71 26.83 39.62
CA GLY K 195 13.12 23.61 41.56
CA LEU K 196 15.63 20.87 40.78
CA ASP K 197 15.71 21.29 36.99
CA PHE K 198 12.10 20.31 36.37
CA SER K 199 10.89 18.68 33.14
CA ASP K 200 14.46 17.43 32.66
CA LEU K 201 14.12 14.51 35.10
CA TYR K 202 12.08 11.34 34.60
CA TYR K 203 10.80 8.65 36.93
CA LEU K 204 12.08 5.23 35.88
CA THR K 205 10.02 2.18 36.85
CA MET K 206 11.67 -1.23 36.66
CA ASN K 207 10.19 -3.44 39.41
CA ASN K 208 8.39 -1.81 42.35
CA LYS K 209 11.36 0.58 42.48
CA HIS K 210 11.76 4.00 40.87
CA TRP K 211 14.44 6.64 40.48
CA LEU K 212 15.21 9.85 38.65
CA VAL K 213 16.59 9.96 35.11
CA HIS K 214 18.09 12.80 33.05
CA LYS K 215 16.18 13.24 29.79
CA GLU K 216 19.21 13.62 27.50
CA TRP K 217 20.72 10.43 28.90
CA PHE K 218 17.18 9.04 28.61
CA HIS K 219 16.92 9.57 24.85
CA ASP K 220 20.08 7.68 23.82
CA ILE K 221 19.01 4.17 24.89
CA PRO K 222 19.34 1.59 22.08
CA LEU K 223 16.58 -0.54 23.64
CA PRO K 224 13.15 -0.56 21.96
CA TRP K 225 11.47 2.77 22.47
CA HIS K 226 7.85 1.72 23.17
CA ALA K 227 6.76 5.31 22.50
CA GLY K 228 3.03 5.77 22.86
CA ALA K 229 1.04 2.78 24.06
CA ASP K 230 1.34 -0.77 25.39
CA THR K 231 -2.05 -1.96 24.09
CA GLY K 232 -1.82 -5.59 23.04
CA THR K 233 1.56 -6.38 21.82
CA PRO K 234 3.05 -2.89 21.46
CA HIS K 235 5.29 -1.51 18.75
CA TRP K 236 8.85 -2.04 20.01
CA ASN K 237 11.08 0.37 18.17
CA ASN K 238 14.16 -0.65 16.15
CA LYS K 239 14.36 -3.98 18.00
CA GLU K 240 18.16 -4.01 17.73
CA ALA K 241 20.01 -4.09 21.07
CA LEU K 242 17.79 -7.13 21.74
CA VAL K 243 17.88 -10.50 19.97
CA GLU K 244 20.85 -10.85 17.60
CA PHE K 245 21.22 -13.68 15.08
CA LYS K 246 24.44 -14.43 13.20
CA ASP K 247 25.81 -17.33 11.15
CA ALA K 248 28.82 -19.66 11.32
CA HIS K 249 29.77 -22.83 9.41
CA ALA K 250 27.00 -22.27 6.82
CA LYS K 251 23.84 -23.29 8.66
CA ARG K 252 20.85 -21.01 8.20
CA GLN K 253 21.24 -18.87 11.33
CA THR K 254 21.99 -19.07 15.03
CA VAL K 255 19.61 -16.76 16.91
CA VAL K 256 20.73 -15.36 20.28
CA VAL K 257 18.27 -13.71 22.67
CA LEU K 258 21.15 -12.19 24.74
CA GLY K 259 19.12 -13.22 27.78
CA SER K 260 19.27 -10.43 30.34
CA GLN K 261 19.97 -6.71 30.61
CA GLU K 262 19.03 -5.87 34.22
CA GLY K 263 22.65 -5.32 35.23
CA ALA K 264 23.36 -3.29 32.09
CA VAL K 265 20.49 -0.87 32.76
CA HIS K 266 21.48 -0.79 36.44
CA THR K 267 25.22 -0.23 36.01
CA ALA K 268 24.56 2.60 33.54
CA LEU K 269 23.20 4.85 36.33
CA ALA K 270 25.94 5.72 38.82
CA GLY K 271 24.58 9.20 39.51
CA ALA K 272 21.03 7.91 39.73
CA LEU K 273 18.77 9.80 42.14
CA GLU K 274 16.43 7.45 43.98
CA ALA K 275 12.70 8.18 43.79
CA GLU K 276 9.61 6.29 44.98
CA MET K 277 6.13 5.73 43.54
CA ASP K 278 3.39 3.73 45.31
CA GLY K 279 -0.03 4.42 43.93
CA ALA K 280 2.35 6.41 41.97
CA LYS K 281 1.71 9.99 43.17
CA GLY K 282 5.41 10.09 42.54
CA ARG K 283 7.32 10.84 45.72
CA LEU K 284 10.69 12.41 45.03
CA SER K 285 13.60 12.38 47.45
CA SER K 286 16.77 14.51 47.23
CA GLY K 287 15.12 17.77 46.26
CA HIS K 288 15.86 21.37 47.20
CA LEU K 289 13.46 24.31 47.07
CA LYS K 290 13.90 28.08 47.00
CA CYS K 291 10.94 29.24 49.10
CA ARG K 292 11.71 32.57 50.76
CA LEU K 293 10.67 33.35 54.32
CA LYS K 294 8.65 36.45 55.22
CA MET K 295 8.73 37.74 58.80
CA ASP K 296 7.00 40.42 60.98
CA LYS K 297 3.95 38.19 61.23
CA LEU K 298 5.72 36.10 63.87
CA ARG K 299 5.58 37.28 67.46
CA LEU K 300 6.64 36.32 70.98
CA LYS K 301 4.05 34.34 72.94
CA GLY K 302 3.61 35.01 76.65
CA VAL K 303 5.65 38.18 76.85
CA SER K 304 5.48 39.16 80.52
CA TYR K 305 5.61 35.76 82.26
CA SER K 306 8.16 37.20 84.61
CA LEU K 307 10.23 34.68 86.59
CA CYS K 308 8.37 31.78 88.30
CA THR K 309 11.02 31.09 90.92
CA ALA K 310 11.25 27.32 91.18
CA ALA K 311 13.58 24.32 91.38
CA PHE K 312 15.16 23.77 87.97
CA THR K 313 16.19 20.14 87.74
CA PHE K 314 17.10 18.53 84.44
CA THR K 315 15.39 15.63 82.70
CA LYS K 316 18.79 14.36 81.55
CA ILE K 317 22.35 15.60 81.32
CA PRO K 318 22.22 18.32 78.64
CA ALA K 319 23.87 17.19 75.43
CA GLU K 320 26.02 18.94 72.82
CA THR K 321 25.09 18.75 69.17
CA LEU K 322 27.91 19.02 66.64
CA HIS K 323 26.69 22.45 65.47
CA GLY K 324 28.12 24.14 68.56
CA THR K 325 24.84 23.89 70.47
CA VAL K 326 23.77 22.55 73.87
CA THR K 327 20.33 20.98 74.41
CA VAL K 328 19.16 21.60 77.99
CA GLU K 329 16.01 19.92 79.35
CA VAL K 330 14.47 21.10 82.63
CA GLN K 331 11.58 20.20 84.93
CA TYR K 332 11.05 23.68 86.45
CA ALA K 333 9.41 21.65 89.27
CA GLY K 334 6.08 23.02 88.03
CA THR K 335 5.51 25.98 90.35
CA ASP K 336 2.85 28.15 88.71
CA GLY K 337 1.42 28.18 85.21
CA PRO K 338 3.00 28.75 81.80
CA CYS K 339 5.62 31.45 82.15
CA LYS K 340 9.06 32.56 80.98
CA VAL K 341 12.25 31.40 82.66
CA PRO K 342 15.48 33.22 81.66
CA ALA K 343 18.68 31.30 80.99
CA GLN K 344 22.25 32.56 81.11
CA MET K 345 25.75 31.27 80.46
CA ALA K 346 28.22 31.96 83.28
CA VAL K 347 31.94 31.95 82.61
CA ASP K 348 32.16 34.13 85.75
CA MET K 349 31.00 32.91 89.20
CA GLN K 350 27.84 30.83 89.69
CA THR K 351 25.50 33.83 89.32
CA LEU K 352 25.30 37.39 87.96
CA THR K 353 26.92 36.89 84.54
CA PRO K 354 25.27 36.14 81.17
CA VAL K 355 27.47 35.34 78.18
CA GLY K 356 26.99 33.67 74.82
CA ARG K 357 23.71 33.59 72.90
CA LEU K 358 20.51 31.60 73.37
CA ILE K 359 19.71 29.59 70.23
CA THR K 360 16.33 28.80 71.78
CA ALA K 361 13.74 31.58 71.58
CA ASN K 362 11.59 32.63 74.54
CA PRO K 363 12.16 29.80 77.05
CA VAL K 364 8.68 29.47 78.52
CA ILE K 365 6.92 27.10 80.89
CA THR K 366 4.17 25.13 79.20
CA GLU K 367 1.77 24.39 82.05
CA SER K 368 1.48 24.45 85.83
CA THR K 369 1.84 20.72 86.53
CA GLU K 370 4.77 19.16 88.32
CA ASN K 371 7.19 19.40 85.40
CA SER K 372 7.30 21.24 82.10
CA LYS K 373 9.95 19.84 79.78
CA MET K 374 11.64 22.41 77.54
CA MET K 375 14.92 21.95 75.67
CA LEU K 376 17.00 25.11 75.26
CA GLU K 377 19.33 25.04 72.29
CA LEU K 378 22.27 27.18 73.38
CA ASP K 379 25.52 28.38 71.84
CA PRO K 380 28.33 28.75 74.39
CA PRO K 381 31.15 31.19 73.68
CA PHE K 382 34.35 29.60 72.42
CA GLY K 383 35.73 29.16 75.94
CA ASP K 384 34.40 27.63 79.16
CA SER K 385 30.81 28.17 80.24
CA TYR K 386 28.32 27.20 82.93
CA ILE K 387 24.51 27.30 82.90
CA VAL K 388 22.38 29.88 84.72
CA ILE K 389 18.62 29.34 84.95
CA GLY K 390 15.83 31.78 85.85
CA VAL K 391 16.28 31.71 89.62
CA GLY K 392 19.39 33.57 90.70
CA GLU K 393 19.62 31.40 93.82
CA LYS K 394 18.24 27.87 93.33
CA LYS K 395 19.38 26.11 90.15
CA ILE K 396 22.11 23.82 88.83
CA THR K 397 25.37 24.48 86.97
CA HIS K 398 27.48 22.35 84.64
CA HIS K 399 30.91 22.63 83.07
CA TRP K 400 30.82 22.70 79.28
CA HIS K 401 34.14 23.97 77.87
CA ARG K 402 33.10 24.79 74.30
CA SER K 403 36.64 23.94 73.07
CA GLY K 404 35.93 25.51 69.67
CA SER K 405 37.97 28.54 68.69
CA THR K 406 36.35 31.24 66.57
CA ILE K 407 39.05 30.82 63.91
CA GLY K 408 37.78 27.29 63.37
CA LYS K 409 34.27 28.73 63.57
CA ALA K 410 35.25 31.04 60.70
CA PHE K 411 37.03 28.14 59.00
CA GLU K 412 33.96 25.90 59.05
CA ALA K 413 31.72 28.74 57.85
CA THR K 414 33.90 28.99 54.74
CA VAL K 415 33.85 25.20 54.43
CA ARG K 416 30.09 25.08 55.03
CA GLY K 417 29.62 27.77 52.40
CA ALA K 418 31.91 26.00 49.95
CA LYS K 419 29.86 22.81 50.01
CA ARG K 420 26.71 24.93 49.71
CA MET K 421 28.29 26.79 46.79
CA ALA K 422 29.20 23.57 44.98
CA VAL K 423 25.80 21.87 45.29
CA LEU K 424 23.71 24.86 44.21
CA GLY K 425 26.18 27.11 42.37
CA ASP K 426 24.79 30.63 42.21
CA THR K 427 21.61 29.44 43.95
CA ALA K 428 23.30 28.90 47.32
CA TRP K 429 24.29 32.58 47.50
CA ASP K 430 20.63 33.23 48.34
CA PHE K 431 21.34 31.76 51.78
CA GLY K 432 22.44 35.28 52.67
CA SER K 433 19.68 37.86 52.94
CA VAL K 434 18.81 40.54 50.39
CA GLY K 435 21.77 42.73 49.49
CA GLY K 436 20.55 44.57 46.42
CA ALA K 437 23.68 45.34 44.41
CA LEU K 438 25.64 43.12 46.82
CA ASN K 439 24.00 39.71 46.29
CA SER K 440 23.87 40.34 42.54
CA LEU K 441 27.67 40.18 42.63
CA GLY K 442 27.47 36.92 44.58
CA LYS K 443 24.94 35.31 42.24
CA GLY K 444 25.08 37.16 38.91
CA ILE K 445 28.80 36.51 38.55
CA HIS K 446 28.33 32.82 39.32
CA GLN K 447 25.36 32.49 36.96
CA ILE K 448 27.37 33.89 34.03
CA PHE K 449 30.28 31.50 34.76
CA GLY K 450 28.55 28.25 35.67
CA ALA K 451 26.33 28.49 32.59
CA ALA K 452 29.45 28.58 30.43
CA PHE K 453 31.20 26.11 32.76
CA LYS K 454 28.39 23.54 32.57
CA SER K 455 28.58 23.82 28.79
CA LEU K 456 32.35 23.33 29.09
CA PHE K 457 32.41 20.60 31.74
CA GLY K 458 29.05 18.82 31.68
CA GLY K 459 29.68 15.10 31.36
CA MET K 460 32.78 14.85 33.56
CA SER K 461 32.53 13.72 37.18
CA TRP K 462 34.60 12.70 40.22
CA PHE K 463 36.65 10.13 38.31
CA SER K 464 36.97 12.48 35.32
CA GLN K 465 37.65 15.96 36.70
CA ILE K 466 40.58 14.70 38.79
CA LEU K 467 42.32 13.72 35.55
CA ILE K 468 41.90 17.20 34.07
CA GLY K 469 42.14 19.38 37.17
CA THR K 470 45.43 17.78 38.12
CA LEU K 471 46.57 18.15 34.52
CA LEU K 472 45.54 21.80 34.79
CA MET K 473 47.83 22.10 37.82
CA TRP K 474 50.85 21.49 35.58
CA LEU K 475 49.47 24.06 33.12
CA GLY K 476 49.49 26.72 35.82
CA LEU K 477 52.89 25.67 37.11
CA ASN K 478 54.82 26.08 33.83
CA THR K 479 53.43 28.96 31.75
CA LYS K 480 54.49 32.35 30.43
CA ASN K 481 53.58 35.54 32.30
CA GLY K 482 50.10 36.96 31.83
CA SER K 483 46.67 35.48 31.11
CA ILE K 484 47.37 31.79 31.79
CA SER K 485 49.72 32.59 34.68
CA LEU K 486 46.46 33.26 36.52
CA MET K 487 44.24 30.62 34.93
CA CYS K 488 44.59 27.52 37.07
CA LEU K 489 44.13 28.99 40.56
CA ALA K 490 40.46 29.71 39.78
CA LEU K 491 39.77 27.23 36.94
CA GLY K 492 42.17 24.31 37.35
CA GLY K 493 41.72 24.00 41.09
CA VAL K 494 37.93 24.26 41.09
CA LEU K 495 37.71 20.94 39.24
CA ILE K 496 39.39 19.50 42.35
CA PHE K 497 37.43 21.62 44.84
CA LEU K 498 34.17 20.49 43.22
CA SER K 499 35.54 16.95 43.47
CA THR K 500 36.19 17.45 47.19
CA ALA K 501 32.60 18.68 47.59
CA VAL K 502 30.38 15.60 47.14
CA SER K 503 27.97 13.91 49.56
CA ALA K 504 30.24 12.08 52.03
CA ALA L 1 28.00 -4.39 39.97
CA VAL L 2 30.03 -3.14 37.01
CA THR L 3 31.69 -6.00 35.14
CA LEU L 4 35.25 -4.80 34.52
CA PRO L 5 36.48 -7.76 32.39
CA SER L 6 35.38 -7.21 28.81
CA HIS L 7 36.12 -10.37 26.83
CA SER L 8 37.10 -8.26 23.81
CA THR L 9 40.58 -7.78 25.29
CA ARG L 10 40.89 -11.59 25.39
CA LYS L 11 39.05 -11.94 22.09
CA LEU L 12 40.04 -14.76 19.75
CA GLN L 13 41.12 -14.74 16.11
CA THR L 14 39.65 -18.09 15.01
CA ARG L 15 38.13 -18.68 11.59
CA SER L 16 34.62 -18.42 13.05
CA GLN L 17 33.08 -15.13 14.15
CA THR L 18 33.18 -14.36 17.88
CA TRP L 19 30.32 -13.95 20.36
CA LEU L 20 29.62 -10.30 19.45
CA GLU L 21 31.94 -9.60 16.52
CA SER L 22 29.29 -7.87 14.40
CA ARG L 23 28.89 -5.07 16.97
CA GLU L 24 32.34 -5.01 18.59
CA TYR L 25 34.01 -2.97 15.83
CA THR L 26 31.52 -0.09 16.07
CA LYS L 27 30.31 0.23 19.69
CA HIS L 28 33.38 2.11 20.95
CA LEU L 29 33.23 4.34 17.87
CA ILE L 30 29.52 5.15 18.16
CA ARG L 31 29.64 5.75 21.92
CA VAL L 32 32.23 8.52 21.55
CA GLU L 33 30.35 10.40 18.83
CA ASN L 34 27.28 10.32 21.08
CA TRP L 35 29.33 11.76 23.95
CA ILE L 36 30.69 14.66 21.90
CA PHE L 37 27.19 15.19 20.51
CA ARG L 38 25.97 15.45 24.10
CA ASN L 39 29.15 17.36 25.10
CA PRO L 40 30.03 19.72 22.23
CA GLY L 41 31.23 22.60 24.39
CA PHE L 42 34.17 20.69 25.87
CA ALA L 43 35.67 20.14 22.42
CA LEU L 44 35.88 23.90 21.93
CA ALA L 45 37.75 24.18 25.22
CA ALA L 46 39.68 20.98 24.47
CA ALA L 47 41.24 22.58 21.38
CA ALA L 48 42.70 25.39 23.49
CA ILE L 49 43.99 22.94 26.11
CA ALA L 50 46.07 20.88 23.69
CA TRP L 51 47.10 24.09 21.93
CA LEU L 52 49.33 24.64 24.97
CA LEU L 53 50.82 21.14 24.61
CA GLY L 54 53.45 19.95 22.16
CA SER L 55 54.08 23.15 20.16
CA SER L 56 54.45 20.96 17.07
CA THR L 57 51.18 21.30 15.07
CA SER L 58 51.14 17.47 15.00
CA GLN L 59 51.65 16.80 18.69
CA LYS L 60 48.73 19.21 19.12
CA VAL L 61 46.24 16.83 17.50
CA ILE L 62 47.89 13.87 19.25
CA TYR L 63 47.03 15.51 22.56
CA LEU L 64 43.62 16.34 21.08
CA VAL L 65 43.00 12.67 20.30
CA MET L 66 43.99 11.30 23.73
CA ILE L 67 41.84 13.76 25.70
CA LEU L 68 38.84 13.29 23.42
CA LEU L 69 38.90 9.49 23.82
CA ILE L 70 39.87 9.14 27.49
CA ALA L 71 37.14 11.58 28.56
CA PRO L 72 34.13 9.68 27.09
CA ALA L 73 35.04 6.15 28.19
CA ALA L 74 37.86 6.19 30.75
CA ALA L 75 36.37 9.35 32.29
#